data_5EGH
#
_entry.id   5EGH
#
_cell.length_a   63.620
_cell.length_b   68.849
_cell.length_c   69.761
_cell.angle_alpha   60.590
_cell.angle_beta   86.990
_cell.angle_gamma   68.100
#
_symmetry.space_group_name_H-M   'P 1'
#
loop_
_entity.id
_entity.type
_entity.pdbx_description
1 polymer 'Ectonucleotide pyrophosphatase/phosphodiesterase family member 6'
2 branched 2-acetamido-2-deoxy-beta-D-glucopyranose-(1-4)-2-acetamido-2-deoxy-beta-D-glucopyranose
3 branched 2-acetamido-2-deoxy-beta-D-glucopyranose-(1-4)-[beta-L-fucopyranose-(1-6)]2-acetamido-2-deoxy-beta-D-glucopyranose
4 non-polymer 'ZINC ION'
5 non-polymer 1,2-ETHANEDIOL
6 non-polymer PHOSPHOCHOLINE
7 non-polymer 2-acetamido-2-deoxy-beta-D-glucopyranose
8 water water
#
_entity_poly.entity_id   1
_entity_poly.type   'polypeptide(L)'
_entity_poly.pdbx_seq_one_letter_code
;MAAKLWTFLLGFGLSWVWPASAHRKLLVLLLDGFRSDYISEDALASLPGFREIVNRGVKVDYLTPDFPSLSYPNYYTLMT
GRHCEVHQMIGNYMWDPRTNKSFDIGVNRDSLMPLWWNGSEPLWITLMKARRKVYMYYWPGCEVEILGVRPTYCLEYKTV
PTDINFANAVSDALDSLKSGRADLAAIYHERIDVEGHHYGPSSPQRKDALRAVDTVLKYMIQWIQDRGLQQDLNVILFSD
HGMTDIFWMDKVIELSNYISLDDLQQVKDRGPVVSLWPVPGKHSEIYHKLRTVEHMTVYEKESIPNRFYYKKGKFVSPLT
LVADEGWFIAESREMLPFWMNSTGKREGWQRGWHGYDNELMDMRGIFLAIGPDFKSNFRAAPIRSVDVYNIMAHVAGITP
LPNNGSWSRVVSMLKGQTSSASRENLYFQ
;
_entity_poly.pdbx_strand_id   A,B
#
loop_
_chem_comp.id
_chem_comp.type
_chem_comp.name
_chem_comp.formula
EDO non-polymer 1,2-ETHANEDIOL 'C2 H6 O2'
FUL L-saccharide, beta linking beta-L-fucopyranose 'C6 H12 O5'
NAG D-saccharide, beta linking 2-acetamido-2-deoxy-beta-D-glucopyranose 'C8 H15 N O6'
PC non-polymer PHOSPHOCHOLINE 'C5 H15 N O4 P 1'
ZN non-polymer 'ZINC ION' 'Zn 2'
#
# COMPACT_ATOMS: atom_id res chain seq x y z
N ARG A 24 -13.29 -25.72 14.49
CA ARG A 24 -13.99 -25.34 15.71
C ARG A 24 -14.91 -24.12 15.49
N LYS A 25 -15.48 -23.61 16.57
CA LYS A 25 -16.43 -22.49 16.50
C LYS A 25 -15.72 -21.22 16.03
N LEU A 26 -16.50 -20.29 15.47
CA LEU A 26 -15.93 -19.08 14.89
C LEU A 26 -16.80 -17.89 15.24
N LEU A 27 -16.18 -16.83 15.74
CA LEU A 27 -16.78 -15.53 15.97
C LEU A 27 -16.12 -14.52 15.03
N VAL A 28 -16.90 -13.87 14.17
CA VAL A 28 -16.41 -12.87 13.22
C VAL A 28 -16.95 -11.51 13.64
N LEU A 29 -16.06 -10.51 13.73
CA LEU A 29 -16.44 -9.14 14.10
C LEU A 29 -16.06 -8.22 12.95
N LEU A 30 -17.05 -7.54 12.37
CA LEU A 30 -16.84 -6.58 11.29
C LEU A 30 -16.95 -5.18 11.88
N LEU A 31 -15.83 -4.45 11.92
CA LEU A 31 -15.82 -3.10 12.50
C LEU A 31 -15.78 -2.08 11.35
N ASP A 32 -16.92 -1.52 11.03
CA ASP A 32 -17.03 -0.66 9.86
C ASP A 32 -16.12 0.54 9.96
N GLY A 33 -15.38 0.82 8.88
CA GLY A 33 -14.63 2.06 8.83
C GLY A 33 -13.38 2.12 9.69
N PHE A 34 -12.84 0.97 10.11
CA PHE A 34 -11.69 0.90 11.01
C PHE A 34 -10.42 0.98 10.16
N ARG A 35 -9.81 2.16 10.12
CA ARG A 35 -8.61 2.39 9.34
C ARG A 35 -7.39 1.72 9.98
N SER A 36 -6.48 1.24 9.13
N SER A 36 -6.47 1.25 9.13
CA SER A 36 -5.36 0.42 9.59
CA SER A 36 -5.38 0.41 9.60
C SER A 36 -4.55 1.12 10.67
C SER A 36 -4.53 1.11 10.66
N ASP A 37 -4.24 2.40 10.48
CA ASP A 37 -3.38 3.08 11.44
C ASP A 37 -4.12 3.51 12.70
N TYR A 38 -5.41 3.18 12.85
CA TYR A 38 -6.06 3.36 14.15
C TYR A 38 -5.45 2.47 15.23
N ILE A 39 -4.77 1.41 14.84
CA ILE A 39 -4.05 0.55 15.79
C ILE A 39 -2.59 0.49 15.41
N SER A 40 -2.03 1.64 15.04
CA SER A 40 -0.58 1.74 14.90
C SER A 40 0.10 1.40 16.24
N GLU A 41 1.42 1.22 16.19
CA GLU A 41 2.18 0.97 17.41
C GLU A 41 1.90 2.05 18.45
N ASP A 42 1.94 3.32 18.05
CA ASP A 42 1.72 4.40 19.00
C ASP A 42 0.31 4.33 19.58
N ALA A 43 -0.69 4.01 18.74
CA ALA A 43 -2.06 3.97 19.22
C ALA A 43 -2.27 2.82 20.20
N LEU A 44 -1.64 1.66 19.94
CA LEU A 44 -1.86 0.49 20.77
C LEU A 44 -1.41 0.68 22.21
N ALA A 45 -0.53 1.65 22.47
CA ALA A 45 -0.11 1.92 23.84
C ALA A 45 -1.25 2.35 24.74
N SER A 46 -2.36 2.84 24.17
CA SER A 46 -3.52 3.20 24.97
C SER A 46 -4.76 2.37 24.62
N LEU A 47 -4.58 1.20 24.02
CA LEU A 47 -5.69 0.35 23.59
C LEU A 47 -5.48 -1.05 24.16
N PRO A 48 -5.83 -1.26 25.43
CA PRO A 48 -5.51 -2.55 26.07
C PRO A 48 -6.20 -3.74 25.44
N GLY A 49 -7.43 -3.58 24.95
CA GLY A 49 -8.12 -4.70 24.34
C GLY A 49 -7.44 -5.17 23.06
N PHE A 50 -7.21 -4.25 22.13
CA PHE A 50 -6.49 -4.60 20.91
C PHE A 50 -5.06 -5.03 21.21
N ARG A 51 -4.41 -4.37 22.18
CA ARG A 51 -3.04 -4.76 22.49
C ARG A 51 -2.99 -6.22 22.93
N GLU A 52 -4.00 -6.68 23.67
CA GLU A 52 -4.00 -8.08 24.10
C GLU A 52 -4.21 -9.01 22.91
N ILE A 53 -5.13 -8.65 22.01
CA ILE A 53 -5.32 -9.45 20.81
C ILE A 53 -4.03 -9.52 20.00
N VAL A 54 -3.34 -8.39 19.86
CA VAL A 54 -2.07 -8.36 19.14
C VAL A 54 -1.04 -9.23 19.85
N ASN A 55 -1.00 -9.15 21.19
CA ASN A 55 0.04 -9.84 21.93
C ASN A 55 -0.17 -11.34 21.92
N ARG A 56 -1.42 -11.78 21.78
CA ARG A 56 -1.76 -13.19 21.89
C ARG A 56 -2.28 -13.79 20.58
N GLY A 57 -2.28 -13.03 19.50
CA GLY A 57 -2.81 -13.50 18.23
C GLY A 57 -2.09 -12.92 17.03
N VAL A 58 -2.83 -12.77 15.93
CA VAL A 58 -2.31 -12.36 14.64
C VAL A 58 -2.80 -10.94 14.33
N LYS A 59 -1.91 -10.10 13.83
CA LYS A 59 -2.31 -8.81 13.25
C LYS A 59 -1.61 -8.61 11.92
N VAL A 60 -2.38 -8.39 10.85
CA VAL A 60 -1.76 -8.00 9.59
C VAL A 60 -1.37 -6.54 9.64
N ASP A 61 -0.33 -6.17 8.89
CA ASP A 61 0.08 -4.77 8.85
C ASP A 61 -1.06 -3.88 8.38
N TYR A 62 -1.82 -4.35 7.39
CA TYR A 62 -3.03 -3.68 6.96
C TYR A 62 -3.79 -4.61 6.02
N LEU A 63 -5.06 -4.29 5.83
CA LEU A 63 -5.96 -4.97 4.90
C LEU A 63 -6.31 -4.00 3.77
N THR A 64 -5.99 -4.36 2.53
CA THR A 64 -6.33 -3.53 1.38
C THR A 64 -7.72 -3.89 0.90
N PRO A 65 -8.66 -2.96 0.85
CA PRO A 65 -10.04 -3.31 0.44
C PRO A 65 -10.12 -3.44 -1.08
N ASP A 66 -11.26 -3.97 -1.53
CA ASP A 66 -11.62 -3.89 -2.94
C ASP A 66 -12.02 -2.46 -3.32
N PHE A 67 -11.90 -2.16 -4.61
CA PHE A 67 -12.52 -0.97 -5.17
C PHE A 67 -13.97 -1.31 -5.56
N PRO A 68 -14.92 -0.41 -5.28
CA PRO A 68 -14.74 0.85 -4.55
C PRO A 68 -14.64 0.58 -3.04
N SER A 69 -13.96 1.47 -2.30
CA SER A 69 -13.75 1.22 -0.87
C SER A 69 -14.96 1.69 -0.06
N LEU A 70 -16.12 1.09 -0.40
CA LEU A 70 -17.42 1.32 0.22
C LEU A 70 -17.90 0.03 0.90
N SER A 71 -18.95 0.16 1.72
CA SER A 71 -19.48 -0.93 2.55
C SER A 71 -20.00 -2.15 1.82
N TYR A 72 -21.17 -2.02 1.19
CA TYR A 72 -21.77 -3.21 0.59
C TYR A 72 -20.83 -3.92 -0.37
N PRO A 73 -20.08 -3.25 -1.26
CA PRO A 73 -19.07 -3.99 -2.03
C PRO A 73 -18.09 -4.78 -1.18
N ASN A 74 -17.49 -4.17 -0.15
CA ASN A 74 -16.49 -4.90 0.61
C ASN A 74 -17.08 -5.91 1.59
N TYR A 75 -18.29 -5.69 2.12
CA TYR A 75 -18.96 -6.74 2.87
C TYR A 75 -18.95 -8.03 2.06
N TYR A 76 -19.32 -7.93 0.78
CA TYR A 76 -19.45 -9.11 -0.06
C TYR A 76 -18.10 -9.62 -0.51
N THR A 77 -17.13 -8.73 -0.73
CA THR A 77 -15.79 -9.24 -0.99
C THR A 77 -15.28 -10.08 0.18
N LEU A 78 -15.43 -9.58 1.41
CA LEU A 78 -14.94 -10.29 2.59
C LEU A 78 -15.58 -11.67 2.72
N MET A 79 -16.89 -11.75 2.50
CA MET A 79 -17.60 -13.00 2.75
C MET A 79 -17.67 -13.91 1.52
N THR A 80 -17.07 -13.53 0.39
CA THR A 80 -16.99 -14.40 -0.79
C THR A 80 -15.59 -14.69 -1.26
N GLY A 81 -14.59 -13.92 -0.83
CA GLY A 81 -13.27 -14.03 -1.41
C GLY A 81 -13.14 -13.61 -2.85
N ARG A 82 -14.13 -12.90 -3.40
CA ARG A 82 -14.16 -12.55 -4.82
C ARG A 82 -14.21 -11.05 -5.01
N HIS A 83 -13.63 -10.57 -6.11
CA HIS A 83 -13.67 -9.16 -6.47
C HIS A 83 -15.10 -8.73 -6.86
N CYS A 84 -15.35 -7.41 -6.77
CA CYS A 84 -16.73 -6.92 -6.94
C CYS A 84 -17.26 -7.16 -8.34
N GLU A 85 -16.40 -7.14 -9.36
CA GLU A 85 -16.88 -7.48 -10.71
C GLU A 85 -17.33 -8.92 -10.81
N VAL A 86 -16.98 -9.77 -9.83
CA VAL A 86 -17.42 -11.16 -9.81
C VAL A 86 -18.67 -11.33 -8.95
N HIS A 87 -18.66 -10.85 -7.70
CA HIS A 87 -19.83 -11.07 -6.85
C HIS A 87 -20.96 -10.09 -7.14
N GLN A 88 -20.69 -9.03 -7.92
CA GLN A 88 -21.62 -8.12 -8.58
C GLN A 88 -22.10 -6.97 -7.71
N MET A 89 -21.79 -6.93 -6.41
CA MET A 89 -22.21 -5.82 -5.57
C MET A 89 -21.17 -4.71 -5.73
N ILE A 90 -21.37 -3.87 -6.76
CA ILE A 90 -20.33 -2.94 -7.20
C ILE A 90 -20.50 -1.55 -6.62
N GLY A 91 -21.61 -1.28 -5.92
CA GLY A 91 -21.77 0.00 -5.27
C GLY A 91 -22.64 -0.10 -4.03
N ASN A 92 -22.59 0.95 -3.21
CA ASN A 92 -23.61 1.15 -2.19
C ASN A 92 -24.96 1.47 -2.81
N TYR A 93 -24.94 2.14 -3.96
CA TYR A 93 -26.13 2.45 -4.76
C TYR A 93 -25.96 1.87 -6.16
N MET A 94 -26.97 1.14 -6.63
CA MET A 94 -26.93 0.48 -7.93
C MET A 94 -28.30 0.58 -8.59
N TRP A 95 -28.29 0.49 -9.91
CA TRP A 95 -29.50 0.55 -10.72
C TRP A 95 -29.45 -0.53 -11.78
N ASP A 96 -30.56 -1.21 -11.99
CA ASP A 96 -30.66 -2.19 -13.05
C ASP A 96 -31.58 -1.64 -14.14
N PRO A 97 -31.06 -1.27 -15.30
CA PRO A 97 -31.94 -0.74 -16.37
C PRO A 97 -32.98 -1.73 -16.85
N ARG A 98 -32.66 -3.03 -16.84
CA ARG A 98 -33.61 -4.04 -17.31
C ARG A 98 -34.91 -3.97 -16.52
N THR A 99 -34.82 -4.12 -15.21
CA THR A 99 -35.97 -4.14 -14.33
C THR A 99 -36.38 -2.75 -13.83
N ASN A 100 -35.56 -1.73 -14.08
CA ASN A 100 -35.78 -0.37 -13.56
C ASN A 100 -35.90 -0.36 -12.03
N LYS A 101 -35.16 -1.23 -11.36
CA LYS A 101 -35.14 -1.33 -9.91
C LYS A 101 -33.80 -0.84 -9.36
N SER A 102 -33.82 -0.32 -8.14
CA SER A 102 -32.63 0.25 -7.49
C SER A 102 -32.29 -0.49 -6.20
N PHE A 103 -31.00 -0.49 -5.87
CA PHE A 103 -30.47 -0.89 -4.56
C PHE A 103 -29.94 0.41 -3.94
N ASP A 104 -30.69 0.99 -3.01
CA ASP A 104 -30.30 2.29 -2.44
C ASP A 104 -29.75 2.06 -1.02
N ILE A 105 -28.47 1.69 -0.98
CA ILE A 105 -27.69 1.38 0.23
C ILE A 105 -28.52 0.58 1.24
N GLY A 106 -29.27 -0.40 0.72
CA GLY A 106 -30.01 -1.31 1.57
C GLY A 106 -31.28 -0.79 2.20
N VAL A 107 -31.69 0.45 1.92
CA VAL A 107 -32.81 1.05 2.65
C VAL A 107 -34.15 0.76 1.97
N ASN A 108 -34.24 0.95 0.67
CA ASN A 108 -35.49 0.73 -0.05
C ASN A 108 -35.83 -0.76 -0.09
N ARG A 109 -37.14 -1.05 -0.19
CA ARG A 109 -37.59 -2.43 -0.11
C ARG A 109 -36.96 -3.29 -1.21
N ASP A 110 -36.73 -2.71 -2.40
CA ASP A 110 -36.18 -3.48 -3.50
C ASP A 110 -34.73 -3.92 -3.25
N SER A 111 -34.04 -3.35 -2.25
N SER A 111 -34.05 -3.37 -2.24
CA SER A 111 -32.73 -3.86 -1.87
CA SER A 111 -32.71 -3.89 -1.91
C SER A 111 -32.79 -5.32 -1.45
C SER A 111 -32.77 -5.29 -1.32
N LEU A 112 -33.95 -5.80 -1.01
CA LEU A 112 -34.10 -7.17 -0.57
C LEU A 112 -34.21 -8.15 -1.73
N MET A 113 -34.27 -7.66 -2.97
CA MET A 113 -34.40 -8.57 -4.11
C MET A 113 -33.14 -9.41 -4.28
N PRO A 114 -33.26 -10.73 -4.44
CA PRO A 114 -32.07 -11.56 -4.67
C PRO A 114 -31.30 -11.17 -5.92
N LEU A 115 -31.91 -10.40 -6.83
CA LEU A 115 -31.20 -9.81 -7.98
C LEU A 115 -29.85 -9.22 -7.58
N TRP A 116 -29.79 -8.55 -6.43
CA TRP A 116 -28.57 -7.83 -6.06
C TRP A 116 -27.56 -8.72 -5.38
N TRP A 117 -27.97 -9.89 -4.92
CA TRP A 117 -27.21 -10.72 -4.00
C TRP A 117 -26.81 -12.06 -4.58
N ASN A 118 -27.43 -12.51 -5.66
CA ASN A 118 -27.19 -13.85 -6.15
C ASN A 118 -25.96 -13.99 -7.04
N GLY A 119 -25.14 -12.93 -7.16
CA GLY A 119 -24.00 -12.98 -8.05
C GLY A 119 -22.85 -13.83 -7.55
N SER A 120 -22.85 -14.15 -6.26
CA SER A 120 -21.93 -15.13 -5.68
C SER A 120 -22.49 -15.55 -4.33
N GLU A 121 -22.15 -16.77 -3.91
CA GLU A 121 -22.63 -17.33 -2.65
C GLU A 121 -21.71 -16.91 -1.50
N PRO A 122 -22.20 -16.15 -0.51
CA PRO A 122 -21.32 -15.76 0.60
C PRO A 122 -21.20 -16.89 1.62
N LEU A 123 -20.21 -16.77 2.51
CA LEU A 123 -19.81 -17.91 3.36
C LEU A 123 -20.96 -18.41 4.24
N TRP A 124 -21.78 -17.49 4.77
CA TRP A 124 -22.82 -17.96 5.68
C TRP A 124 -23.86 -18.82 4.96
N ILE A 125 -24.08 -18.57 3.67
CA ILE A 125 -25.00 -19.41 2.90
C ILE A 125 -24.38 -20.78 2.67
N THR A 126 -23.10 -20.80 2.32
CA THR A 126 -22.41 -22.08 2.14
C THR A 126 -22.46 -22.91 3.43
N LEU A 127 -22.26 -22.26 4.58
CA LEU A 127 -22.33 -22.96 5.86
C LEU A 127 -23.74 -23.51 6.14
N MET A 128 -24.77 -22.68 5.91
CA MET A 128 -26.14 -23.17 6.06
C MET A 128 -26.40 -24.38 5.17
N LYS A 129 -25.96 -24.32 3.91
CA LYS A 129 -26.22 -25.46 3.02
C LYS A 129 -25.42 -26.69 3.44
N ALA A 130 -24.34 -26.52 4.18
CA ALA A 130 -23.62 -27.65 4.74
C ALA A 130 -24.18 -28.07 6.09
N ARG A 131 -25.36 -27.55 6.46
CA ARG A 131 -26.06 -27.84 7.71
C ARG A 131 -25.27 -27.40 8.95
N ARG A 132 -24.45 -26.36 8.83
CA ARG A 132 -23.90 -25.67 9.98
C ARG A 132 -24.86 -24.54 10.38
N LYS A 133 -24.80 -24.13 11.65
CA LYS A 133 -25.73 -23.13 12.18
C LYS A 133 -25.04 -21.77 12.24
N VAL A 134 -25.73 -20.72 11.76
CA VAL A 134 -25.12 -19.39 11.65
C VAL A 134 -26.00 -18.35 12.34
N TYR A 135 -25.43 -17.59 13.28
CA TYR A 135 -26.13 -16.51 13.95
C TYR A 135 -25.50 -15.20 13.50
N MET A 136 -26.32 -14.24 13.08
CA MET A 136 -25.77 -12.98 12.57
C MET A 136 -26.45 -11.80 13.28
N TYR A 137 -25.64 -10.83 13.70
CA TYR A 137 -26.12 -9.71 14.51
C TYR A 137 -25.84 -8.43 13.76
N TYR A 138 -26.90 -7.77 13.27
CA TYR A 138 -26.87 -6.49 12.56
C TYR A 138 -26.09 -6.55 11.25
N TRP A 139 -25.79 -7.73 10.76
CA TRP A 139 -24.91 -7.89 9.60
C TRP A 139 -25.66 -7.54 8.32
N PRO A 140 -25.26 -6.49 7.60
CA PRO A 140 -25.99 -6.09 6.40
C PRO A 140 -25.95 -7.20 5.36
N GLY A 141 -27.13 -7.72 5.03
CA GLY A 141 -27.27 -8.88 4.16
C GLY A 141 -27.89 -10.09 4.84
N CYS A 142 -27.85 -10.17 6.17
CA CYS A 142 -28.40 -11.37 6.83
C CYS A 142 -29.91 -11.44 6.70
N GLU A 143 -30.56 -10.31 6.39
CA GLU A 143 -32.00 -10.22 6.27
C GLU A 143 -32.51 -10.63 4.89
N VAL A 144 -31.63 -11.03 3.98
CA VAL A 144 -31.98 -11.32 2.59
C VAL A 144 -32.06 -12.83 2.41
N GLU A 145 -33.03 -13.29 1.60
CA GLU A 145 -32.97 -14.66 1.10
C GLU A 145 -31.99 -14.70 -0.08
N ILE A 146 -30.84 -15.32 0.14
CA ILE A 146 -29.77 -15.34 -0.86
C ILE A 146 -29.67 -16.75 -1.41
N LEU A 147 -29.92 -16.88 -2.71
CA LEU A 147 -29.84 -18.18 -3.39
C LEU A 147 -30.78 -19.21 -2.74
N GLY A 148 -31.91 -18.71 -2.24
CA GLY A 148 -32.93 -19.52 -1.60
C GLY A 148 -32.70 -19.83 -0.14
N VAL A 149 -31.67 -19.25 0.49
CA VAL A 149 -31.22 -19.64 1.82
C VAL A 149 -31.13 -18.41 2.72
N ARG A 150 -31.33 -18.62 4.02
CA ARG A 150 -31.17 -17.62 5.07
C ARG A 150 -30.39 -18.23 6.22
N PRO A 151 -29.70 -17.41 7.03
CA PRO A 151 -29.03 -17.93 8.23
C PRO A 151 -30.01 -18.37 9.31
N THR A 152 -29.50 -19.22 10.21
CA THR A 152 -30.30 -19.72 11.33
C THR A 152 -30.95 -18.58 12.10
N TYR A 153 -30.20 -17.50 12.33
CA TYR A 153 -30.69 -16.38 13.12
C TYR A 153 -30.10 -15.10 12.55
N CYS A 154 -30.93 -14.08 12.42
CA CYS A 154 -30.49 -12.77 11.94
C CYS A 154 -31.19 -11.72 12.79
N LEU A 155 -30.40 -10.91 13.49
CA LEU A 155 -30.89 -9.71 14.15
C LEU A 155 -30.68 -8.58 13.14
N GLU A 156 -31.76 -8.16 12.49
CA GLU A 156 -31.65 -7.30 11.32
C GLU A 156 -31.09 -5.92 11.68
N TYR A 157 -30.22 -5.40 10.82
CA TYR A 157 -29.80 -4.01 10.94
C TYR A 157 -30.99 -3.10 10.67
N LYS A 158 -31.25 -2.16 11.59
CA LYS A 158 -32.27 -1.14 11.38
C LYS A 158 -31.67 0.25 11.47
N THR A 159 -31.16 0.64 12.63
CA THR A 159 -30.47 1.89 12.83
C THR A 159 -29.02 1.59 13.16
N VAL A 160 -28.23 2.65 13.31
CA VAL A 160 -26.85 2.47 13.73
C VAL A 160 -26.89 1.77 15.09
N PRO A 161 -26.25 0.61 15.23
CA PRO A 161 -26.21 -0.05 16.54
C PRO A 161 -25.44 0.80 17.54
N THR A 162 -25.90 0.79 18.79
CA THR A 162 -25.22 1.50 19.88
C THR A 162 -24.09 0.63 20.43
N ASP A 163 -23.24 1.23 21.27
CA ASP A 163 -22.20 0.45 21.94
C ASP A 163 -22.80 -0.59 22.89
N ILE A 164 -23.96 -0.30 23.47
CA ILE A 164 -24.68 -1.30 24.26
C ILE A 164 -25.11 -2.46 23.36
N ASN A 165 -25.65 -2.14 22.18
CA ASN A 165 -26.05 -3.20 21.25
C ASN A 165 -24.88 -4.11 20.94
N PHE A 166 -23.70 -3.52 20.74
CA PHE A 166 -22.50 -4.30 20.41
C PHE A 166 -22.11 -5.21 21.57
N ALA A 167 -22.01 -4.65 22.77
CA ALA A 167 -21.64 -5.46 23.93
C ALA A 167 -22.62 -6.61 24.16
N ASN A 168 -23.91 -6.35 23.98
CA ASN A 168 -24.92 -7.40 24.20
C ASN A 168 -24.85 -8.44 23.09
N ALA A 169 -24.63 -8.02 21.84
CA ALA A 169 -24.49 -8.99 20.77
C ALA A 169 -23.28 -9.90 20.99
N VAL A 170 -22.16 -9.34 21.44
CA VAL A 170 -20.99 -10.17 21.69
C VAL A 170 -21.30 -11.22 22.76
N SER A 171 -21.88 -10.78 23.88
CA SER A 171 -22.25 -11.73 24.92
C SER A 171 -23.25 -12.76 24.43
N ASP A 172 -24.32 -12.32 23.75
CA ASP A 172 -25.30 -13.25 23.22
C ASP A 172 -24.67 -14.24 22.23
N ALA A 173 -23.73 -13.77 21.40
CA ALA A 173 -23.11 -14.67 20.43
C ALA A 173 -22.29 -15.74 21.13
N LEU A 174 -21.52 -15.36 22.16
CA LEU A 174 -20.75 -16.36 22.89
C LEU A 174 -21.67 -17.41 23.51
N ASP A 175 -22.82 -16.99 24.07
CA ASP A 175 -23.79 -17.95 24.59
C ASP A 175 -24.31 -18.88 23.52
N SER A 176 -24.59 -18.36 22.32
CA SER A 176 -25.10 -19.21 21.25
CA SER A 176 -25.09 -19.21 21.24
C SER A 176 -24.03 -20.18 20.75
N LEU A 177 -22.77 -19.76 20.71
CA LEU A 177 -21.70 -20.68 20.34
C LEU A 177 -21.45 -21.72 21.43
N LYS A 178 -21.48 -21.30 22.70
CA LYS A 178 -21.22 -22.24 23.78
C LYS A 178 -22.28 -23.33 23.83
N SER A 179 -23.54 -22.95 23.63
CA SER A 179 -24.66 -23.87 23.70
C SER A 179 -24.82 -24.72 22.46
N GLY A 180 -24.00 -24.49 21.43
CA GLY A 180 -24.11 -25.20 20.17
C GLY A 180 -25.23 -24.74 19.25
N ARG A 181 -26.02 -23.74 19.65
CA ARG A 181 -27.04 -23.19 18.76
C ARG A 181 -26.43 -22.52 17.52
N ALA A 182 -25.17 -22.08 17.60
CA ALA A 182 -24.44 -21.49 16.49
C ALA A 182 -23.08 -22.17 16.34
N ASP A 183 -22.69 -22.38 15.09
CA ASP A 183 -21.34 -22.77 14.75
C ASP A 183 -20.49 -21.58 14.32
N LEU A 184 -21.12 -20.61 13.65
CA LEU A 184 -20.51 -19.34 13.31
C LEU A 184 -21.41 -18.25 13.85
N ALA A 185 -20.83 -17.25 14.50
CA ALA A 185 -21.57 -16.04 14.85
C ALA A 185 -20.85 -14.85 14.24
N ALA A 186 -21.61 -13.93 13.65
CA ALA A 186 -21.04 -12.80 12.93
C ALA A 186 -21.74 -11.53 13.43
N ILE A 187 -20.94 -10.53 13.84
CA ILE A 187 -21.47 -9.33 14.45
C ILE A 187 -20.92 -8.13 13.69
N TYR A 188 -21.80 -7.18 13.40
CA TYR A 188 -21.44 -5.94 12.69
C TYR A 188 -21.57 -4.75 13.62
N HIS A 189 -20.58 -3.85 13.58
CA HIS A 189 -20.56 -2.63 14.38
C HIS A 189 -20.21 -1.46 13.48
N GLU A 190 -20.99 -0.36 13.55
CA GLU A 190 -20.86 0.76 12.62
C GLU A 190 -20.25 2.03 13.21
N ARG A 191 -20.25 2.19 14.54
CA ARG A 191 -20.10 3.53 15.10
C ARG A 191 -18.71 4.14 14.85
N ILE A 192 -17.67 3.33 14.61
CA ILE A 192 -16.38 3.94 14.30
C ILE A 192 -16.44 4.63 12.94
N ASP A 193 -17.19 4.06 11.99
CA ASP A 193 -17.45 4.69 10.71
C ASP A 193 -18.25 5.97 10.88
N VAL A 194 -19.34 5.92 11.65
CA VAL A 194 -20.19 7.10 11.80
C VAL A 194 -19.39 8.30 12.34
N GLU A 195 -18.60 8.07 13.40
CA GLU A 195 -17.84 9.18 13.98
C GLU A 195 -16.70 9.63 13.08
N GLY A 196 -16.09 8.69 12.34
CA GLY A 196 -15.11 9.09 11.34
C GLY A 196 -15.70 10.00 10.28
N HIS A 197 -16.94 9.73 9.87
CA HIS A 197 -17.64 10.57 8.90
C HIS A 197 -17.99 11.93 9.49
N HIS A 198 -18.63 11.93 10.67
CA HIS A 198 -19.24 13.14 11.20
C HIS A 198 -18.19 14.12 11.72
N TYR A 199 -17.09 13.61 12.27
CA TYR A 199 -16.10 14.47 12.90
C TYR A 199 -14.71 14.34 12.30
N GLY A 200 -14.44 13.32 11.49
CA GLY A 200 -13.14 13.15 10.87
C GLY A 200 -12.36 12.00 11.48
N PRO A 201 -11.48 11.38 10.69
CA PRO A 201 -10.72 10.23 11.21
C PRO A 201 -9.80 10.55 12.38
N SER A 202 -9.30 11.79 12.49
CA SER A 202 -8.41 12.14 13.59
CA SER A 202 -8.41 12.14 13.59
C SER A 202 -9.15 12.77 14.77
N SER A 203 -10.48 12.74 14.79
CA SER A 203 -11.26 13.45 15.80
C SER A 203 -11.27 12.71 17.14
N PRO A 204 -11.45 13.45 18.25
CA PRO A 204 -11.67 12.75 19.53
C PRO A 204 -12.93 11.92 19.54
N GLN A 205 -13.96 12.33 18.78
CA GLN A 205 -15.19 11.55 18.71
C GLN A 205 -14.94 10.17 18.09
N ARG A 206 -14.13 10.11 17.04
CA ARG A 206 -13.80 8.81 16.47
C ARG A 206 -12.96 8.00 17.46
N LYS A 207 -11.99 8.65 18.12
CA LYS A 207 -11.19 7.93 19.11
C LYS A 207 -12.03 7.43 20.27
N ASP A 208 -13.06 8.20 20.68
CA ASP A 208 -13.96 7.74 21.73
C ASP A 208 -14.70 6.48 21.31
N ALA A 209 -15.15 6.44 20.05
CA ALA A 209 -15.89 5.24 19.61
C ALA A 209 -14.96 4.04 19.52
N LEU A 210 -13.70 4.26 19.14
CA LEU A 210 -12.73 3.17 19.13
C LEU A 210 -12.46 2.67 20.55
N ARG A 211 -12.27 3.60 21.48
CA ARG A 211 -12.07 3.26 22.89
C ARG A 211 -13.21 2.37 23.42
N ALA A 212 -14.46 2.70 23.05
CA ALA A 212 -15.58 1.89 23.52
C ALA A 212 -15.49 0.47 22.99
N VAL A 213 -15.15 0.30 21.71
CA VAL A 213 -14.96 -1.03 21.15
C VAL A 213 -13.79 -1.73 21.83
N ASP A 214 -12.70 -1.00 22.07
CA ASP A 214 -11.55 -1.62 22.71
C ASP A 214 -11.90 -2.17 24.07
N THR A 215 -12.74 -1.47 24.82
CA THR A 215 -13.13 -1.95 26.15
C THR A 215 -14.02 -3.17 26.05
N VAL A 216 -14.94 -3.19 25.08
CA VAL A 216 -15.76 -4.39 24.88
C VAL A 216 -14.87 -5.60 24.55
N LEU A 217 -13.84 -5.40 23.71
CA LEU A 217 -12.98 -6.53 23.32
C LEU A 217 -12.17 -7.05 24.50
N LYS A 218 -11.70 -6.14 25.36
CA LYS A 218 -11.00 -6.52 26.58
C LYS A 218 -11.84 -7.48 27.41
N TYR A 219 -13.11 -7.12 27.65
CA TYR A 219 -13.95 -7.99 28.46
C TYR A 219 -14.47 -9.19 27.68
N MET A 220 -14.62 -9.06 26.37
CA MET A 220 -14.92 -10.23 25.53
C MET A 220 -13.91 -11.33 25.74
N ILE A 221 -12.62 -10.97 25.83
CA ILE A 221 -11.59 -11.98 26.09
C ILE A 221 -11.85 -12.65 27.43
N GLN A 222 -12.23 -11.85 28.45
CA GLN A 222 -12.55 -12.42 29.75
C GLN A 222 -13.76 -13.32 29.68
N TRP A 223 -14.80 -12.90 28.95
CA TRP A 223 -16.01 -13.71 28.84
C TRP A 223 -15.71 -15.05 28.16
N ILE A 224 -14.83 -15.03 27.15
CA ILE A 224 -14.48 -16.27 26.44
C ILE A 224 -13.84 -17.25 27.39
N GLN A 225 -12.81 -16.79 28.12
CA GLN A 225 -12.17 -17.63 29.12
C GLN A 225 -13.15 -18.07 30.21
N ASP A 226 -13.92 -17.12 30.73
CA ASP A 226 -14.77 -17.41 31.89
C ASP A 226 -15.86 -18.41 31.56
N ARG A 227 -16.36 -18.41 30.32
CA ARG A 227 -17.40 -19.33 29.90
C ARG A 227 -16.85 -20.64 29.33
N GLY A 228 -15.54 -20.84 29.37
CA GLY A 228 -14.97 -22.11 29.00
C GLY A 228 -14.79 -22.34 27.52
N LEU A 229 -14.72 -21.26 26.73
CA LEU A 229 -14.65 -21.33 25.28
C LEU A 229 -13.24 -21.15 24.72
N GLN A 230 -12.24 -20.87 25.56
CA GLN A 230 -10.96 -20.43 25.05
C GLN A 230 -10.35 -21.44 24.08
N GLN A 231 -10.57 -22.74 24.30
CA GLN A 231 -10.00 -23.74 23.41
C GLN A 231 -10.93 -24.15 22.28
N ASP A 232 -12.17 -23.65 22.27
CA ASP A 232 -13.18 -24.06 21.31
C ASP A 232 -13.53 -22.98 20.29
N LEU A 233 -12.86 -21.83 20.30
CA LEU A 233 -13.35 -20.65 19.60
C LEU A 233 -12.21 -19.85 18.99
N ASN A 234 -12.26 -19.60 17.69
CA ASN A 234 -11.43 -18.57 17.08
C ASN A 234 -12.25 -17.28 16.92
N VAL A 235 -11.57 -16.15 17.00
CA VAL A 235 -12.20 -14.86 16.78
C VAL A 235 -11.44 -14.14 15.66
N ILE A 236 -12.17 -13.69 14.65
CA ILE A 236 -11.57 -12.95 13.55
C ILE A 236 -12.23 -11.58 13.53
N LEU A 237 -11.40 -10.54 13.38
CA LEU A 237 -11.87 -9.16 13.34
C LEU A 237 -11.31 -8.52 12.09
N PHE A 238 -12.15 -7.79 11.34
CA PHE A 238 -11.66 -7.05 10.19
C PHE A 238 -12.57 -5.86 9.93
N SER A 239 -12.17 -5.04 8.97
CA SER A 239 -12.99 -3.91 8.54
C SER A 239 -13.15 -3.91 7.04
N ASP A 240 -14.13 -3.14 6.58
CA ASP A 240 -14.45 -3.04 5.16
C ASP A 240 -13.62 -2.00 4.43
N HIS A 241 -13.06 -0.99 5.13
CA HIS A 241 -12.28 0.08 4.52
C HIS A 241 -11.83 1.03 5.62
N GLY A 242 -10.98 1.97 5.27
CA GLY A 242 -10.53 3.02 6.18
C GLY A 242 -11.33 4.31 6.05
N MET A 243 -10.64 5.45 6.15
CA MET A 243 -11.36 6.72 6.24
C MET A 243 -10.36 7.84 5.98
N THR A 244 -10.78 8.88 5.25
CA THR A 244 -9.89 10.01 4.96
C THR A 244 -10.61 11.33 5.20
N ASP A 245 -9.84 12.42 5.29
CA ASP A 245 -10.46 13.73 5.45
C ASP A 245 -11.10 14.20 4.15
N ILE A 246 -12.25 14.85 4.28
CA ILE A 246 -12.83 15.59 3.17
C ILE A 246 -12.97 17.05 3.57
N PHE A 247 -13.17 17.91 2.56
CA PHE A 247 -13.00 19.35 2.73
C PHE A 247 -14.13 20.11 2.02
N TRP A 248 -15.33 19.99 2.57
CA TRP A 248 -16.44 20.85 2.19
C TRP A 248 -16.04 22.27 2.65
N MET A 249 -16.35 23.32 1.89
CA MET A 249 -17.01 23.22 0.59
C MET A 249 -16.00 23.39 -0.55
N ASP A 250 -14.75 23.73 -0.20
CA ASP A 250 -13.74 23.98 -1.22
C ASP A 250 -13.62 22.81 -2.19
N LYS A 251 -13.57 21.60 -1.67
CA LYS A 251 -13.27 20.45 -2.52
C LYS A 251 -14.53 19.65 -2.86
N VAL A 252 -15.54 20.36 -3.37
CA VAL A 252 -16.79 19.78 -3.83
C VAL A 252 -16.88 20.01 -5.34
N ILE A 253 -17.15 18.96 -6.09
CA ILE A 253 -17.41 19.05 -7.52
C ILE A 253 -18.92 19.02 -7.71
N GLU A 254 -19.49 20.08 -8.29
CA GLU A 254 -20.94 20.18 -8.50
C GLU A 254 -21.27 19.77 -9.93
N LEU A 255 -21.78 18.55 -10.11
CA LEU A 255 -22.02 18.06 -11.46
C LEU A 255 -23.00 18.94 -12.24
N SER A 256 -23.98 19.52 -11.55
CA SER A 256 -24.98 20.31 -12.25
C SER A 256 -24.41 21.61 -12.81
N ASN A 257 -23.17 21.94 -12.49
CA ASN A 257 -22.48 23.03 -13.17
C ASN A 257 -21.96 22.65 -14.53
N TYR A 258 -22.02 21.37 -14.89
CA TYR A 258 -21.42 20.92 -16.14
C TYR A 258 -22.40 20.22 -17.06
N ILE A 259 -23.36 19.48 -16.53
CA ILE A 259 -24.29 18.72 -17.35
C ILE A 259 -25.69 18.89 -16.79
N SER A 260 -26.68 18.74 -17.65
N SER A 260 -26.68 18.74 -17.65
CA SER A 260 -28.07 18.80 -17.25
CA SER A 260 -28.07 18.80 -17.25
C SER A 260 -28.53 17.41 -16.82
C SER A 260 -28.55 17.41 -16.82
N LEU A 261 -29.30 17.37 -15.74
CA LEU A 261 -29.86 16.11 -15.28
C LEU A 261 -30.80 15.51 -16.32
N ASP A 262 -31.37 16.37 -17.17
CA ASP A 262 -32.23 15.90 -18.25
C ASP A 262 -31.47 15.06 -19.26
N ASP A 263 -30.15 15.13 -19.29
CA ASP A 263 -29.37 14.31 -20.20
C ASP A 263 -28.96 12.98 -19.56
N LEU A 264 -29.49 12.67 -18.39
CA LEU A 264 -29.14 11.47 -17.65
C LEU A 264 -30.39 10.65 -17.39
N GLN A 265 -30.32 9.37 -17.75
CA GLN A 265 -31.36 8.42 -17.38
C GLN A 265 -31.35 8.13 -15.90
N GLN A 266 -30.16 8.07 -15.29
CA GLN A 266 -30.01 7.69 -13.90
C GLN A 266 -28.66 8.17 -13.40
N VAL A 267 -28.59 8.48 -12.11
CA VAL A 267 -27.35 8.75 -11.38
C VAL A 267 -27.46 8.04 -10.04
N LYS A 268 -26.36 7.41 -9.60
CA LYS A 268 -26.33 6.70 -8.32
C LYS A 268 -25.12 7.14 -7.51
N ASP A 269 -25.38 7.54 -6.25
CA ASP A 269 -24.43 7.91 -5.20
C ASP A 269 -23.88 9.33 -5.34
N ARG A 270 -23.18 9.74 -4.30
CA ARG A 270 -22.51 11.03 -4.18
C ARG A 270 -21.22 10.78 -3.42
N GLY A 271 -20.19 11.56 -3.71
CA GLY A 271 -18.95 11.38 -3.00
C GLY A 271 -17.81 11.01 -3.92
N PRO A 272 -17.10 9.93 -3.62
CA PRO A 272 -15.93 9.58 -4.42
C PRO A 272 -16.21 8.81 -5.69
N VAL A 273 -17.26 7.99 -5.72
CA VAL A 273 -17.55 7.13 -6.88
C VAL A 273 -19.01 7.32 -7.23
N VAL A 274 -19.26 7.79 -8.45
CA VAL A 274 -20.60 8.12 -8.91
C VAL A 274 -20.85 7.40 -10.24
N SER A 275 -21.99 6.73 -10.34
CA SER A 275 -22.38 5.99 -11.52
C SER A 275 -23.38 6.84 -12.32
N LEU A 276 -23.12 6.99 -13.63
CA LEU A 276 -23.94 7.79 -14.54
C LEU A 276 -24.43 6.94 -15.71
N TRP A 277 -25.71 7.10 -16.06
CA TRP A 277 -26.30 6.46 -17.23
C TRP A 277 -26.83 7.54 -18.17
N PRO A 278 -26.10 7.95 -19.20
CA PRO A 278 -26.61 8.98 -20.12
C PRO A 278 -27.85 8.51 -20.87
N VAL A 279 -28.68 9.47 -21.26
CA VAL A 279 -29.76 9.19 -22.19
C VAL A 279 -29.15 8.79 -23.52
N PRO A 280 -29.85 8.04 -24.38
CA PRO A 280 -29.27 7.69 -25.68
C PRO A 280 -28.96 8.95 -26.50
N GLY A 281 -27.78 8.97 -27.11
CA GLY A 281 -27.34 10.09 -27.89
C GLY A 281 -26.55 11.15 -27.13
N LYS A 282 -26.44 11.02 -25.80
CA LYS A 282 -25.70 12.00 -25.01
C LYS A 282 -24.48 11.41 -24.34
N HIS A 283 -24.18 10.13 -24.60
CA HIS A 283 -23.05 9.47 -23.94
C HIS A 283 -21.75 10.20 -24.22
N SER A 284 -21.45 10.45 -25.50
CA SER A 284 -20.18 11.08 -25.86
C SER A 284 -20.08 12.50 -25.30
N GLU A 285 -21.17 13.26 -25.34
CA GLU A 285 -21.12 14.65 -24.90
C GLU A 285 -20.89 14.74 -23.40
N ILE A 286 -21.62 13.92 -22.63
CA ILE A 286 -21.42 13.89 -21.18
C ILE A 286 -20.00 13.46 -20.86
N TYR A 287 -19.51 12.43 -21.54
CA TYR A 287 -18.14 11.97 -21.33
C TYR A 287 -17.14 13.11 -21.56
N HIS A 288 -17.26 13.78 -22.70
CA HIS A 288 -16.25 14.79 -23.05
C HIS A 288 -16.36 16.03 -22.17
N LYS A 289 -17.58 16.37 -21.74
CA LYS A 289 -17.76 17.52 -20.85
C LYS A 289 -17.14 17.26 -19.47
N LEU A 290 -17.32 16.06 -18.94
CA LEU A 290 -16.78 15.74 -17.63
C LEU A 290 -15.30 15.43 -17.65
N ARG A 291 -14.75 15.06 -18.82
CA ARG A 291 -13.31 14.83 -18.96
C ARG A 291 -12.50 16.07 -18.64
N THR A 292 -13.10 17.25 -18.75
CA THR A 292 -12.39 18.50 -18.52
C THR A 292 -12.30 18.87 -17.05
N VAL A 293 -13.08 18.19 -16.18
CA VAL A 293 -13.20 18.59 -14.79
C VAL A 293 -11.99 18.11 -14.01
N GLU A 294 -11.25 19.06 -13.43
CA GLU A 294 -10.12 18.71 -12.58
C GLU A 294 -10.58 18.06 -11.27
N HIS A 295 -9.72 17.22 -10.71
CA HIS A 295 -9.84 16.56 -9.41
C HIS A 295 -10.80 15.38 -9.43
N MET A 296 -11.18 14.91 -10.61
CA MET A 296 -11.83 13.61 -10.73
C MET A 296 -11.42 13.01 -12.07
N THR A 297 -11.76 11.74 -12.25
CA THR A 297 -11.54 11.04 -13.51
C THR A 297 -12.86 10.40 -13.92
N VAL A 298 -13.23 10.55 -15.18
CA VAL A 298 -14.41 9.87 -15.73
C VAL A 298 -13.93 8.74 -16.62
N TYR A 299 -14.51 7.56 -16.44
CA TYR A 299 -14.15 6.37 -17.19
C TYR A 299 -15.37 5.83 -17.92
N GLU A 300 -15.19 5.53 -19.20
CA GLU A 300 -16.06 4.59 -19.87
C GLU A 300 -15.83 3.21 -19.31
N LYS A 301 -16.90 2.41 -19.27
CA LYS A 301 -16.84 1.11 -18.61
C LYS A 301 -15.65 0.29 -19.13
N GLU A 302 -15.41 0.33 -20.44
CA GLU A 302 -14.31 -0.48 -20.97
C GLU A 302 -12.93 0.08 -20.65
N SER A 303 -12.83 1.33 -20.19
CA SER A 303 -11.55 1.95 -19.90
C SER A 303 -11.23 2.03 -18.40
N ILE A 304 -12.10 1.51 -17.55
CA ILE A 304 -11.85 1.51 -16.11
C ILE A 304 -10.56 0.74 -15.85
N PRO A 305 -9.66 1.22 -14.98
CA PRO A 305 -8.40 0.51 -14.73
C PRO A 305 -8.62 -0.95 -14.36
N ASN A 306 -7.88 -1.84 -15.01
CA ASN A 306 -8.06 -3.27 -14.74
C ASN A 306 -7.75 -3.61 -13.29
N ARG A 307 -6.85 -2.85 -12.66
CA ARG A 307 -6.46 -3.17 -11.29
C ARG A 307 -7.61 -3.02 -10.30
N PHE A 308 -8.69 -2.33 -10.68
CA PHE A 308 -9.85 -2.22 -9.81
C PHE A 308 -10.69 -3.48 -9.73
N TYR A 309 -10.50 -4.44 -10.65
CA TYR A 309 -11.30 -5.67 -10.73
C TYR A 309 -12.79 -5.37 -10.56
N TYR A 310 -13.25 -4.38 -11.30
CA TYR A 310 -14.57 -3.77 -11.18
C TYR A 310 -15.33 -3.72 -12.49
N LYS A 311 -14.64 -3.46 -13.62
CA LYS A 311 -15.29 -3.08 -14.87
C LYS A 311 -16.18 -4.17 -15.46
N LYS A 312 -15.94 -5.45 -15.15
CA LYS A 312 -16.76 -6.52 -15.69
C LYS A 312 -18.09 -6.72 -14.95
N GLY A 313 -18.36 -5.98 -13.88
CA GLY A 313 -19.61 -6.18 -13.15
C GLY A 313 -20.81 -5.78 -14.00
N LYS A 314 -21.88 -6.59 -13.92
CA LYS A 314 -23.00 -6.33 -14.82
C LYS A 314 -23.73 -5.04 -14.50
N PHE A 315 -23.69 -4.58 -13.26
CA PHE A 315 -24.40 -3.36 -12.86
C PHE A 315 -23.55 -2.10 -13.01
N VAL A 316 -22.27 -2.24 -13.37
CA VAL A 316 -21.42 -1.06 -13.57
C VAL A 316 -22.00 -0.21 -14.68
N SER A 317 -22.02 1.11 -14.46
CA SER A 317 -22.70 2.05 -15.35
C SER A 317 -21.84 2.39 -16.58
N PRO A 318 -22.45 2.97 -17.62
CA PRO A 318 -21.65 3.37 -18.80
C PRO A 318 -20.54 4.35 -18.46
N LEU A 319 -20.78 5.30 -17.57
CA LEU A 319 -19.76 6.22 -17.11
C LEU A 319 -19.63 6.12 -15.60
N THR A 320 -18.40 6.11 -15.11
CA THR A 320 -18.15 6.09 -13.67
C THR A 320 -17.17 7.21 -13.34
N LEU A 321 -17.54 8.03 -12.37
CA LEU A 321 -16.72 9.13 -11.90
C LEU A 321 -15.95 8.70 -10.65
N VAL A 322 -14.66 8.99 -10.61
CA VAL A 322 -13.83 8.65 -9.45
C VAL A 322 -13.12 9.92 -9.02
N ALA A 323 -13.47 10.42 -7.83
CA ALA A 323 -12.87 11.65 -7.32
C ALA A 323 -11.46 11.40 -6.78
N ASP A 324 -10.61 12.43 -6.91
CA ASP A 324 -9.33 12.41 -6.21
C ASP A 324 -9.54 12.40 -4.69
N GLU A 325 -8.59 11.80 -3.98
CA GLU A 325 -8.71 11.72 -2.52
C GLU A 325 -8.98 13.10 -1.89
N GLY A 326 -10.01 13.15 -1.03
CA GLY A 326 -10.41 14.36 -0.34
C GLY A 326 -11.46 15.19 -1.04
N TRP A 327 -11.71 14.93 -2.33
CA TRP A 327 -12.73 15.59 -3.11
C TRP A 327 -14.04 14.82 -3.04
N PHE A 328 -15.14 15.52 -3.35
CA PHE A 328 -16.48 14.98 -3.15
C PHE A 328 -17.35 15.43 -4.31
N ILE A 329 -17.94 14.47 -5.03
CA ILE A 329 -18.80 14.77 -6.18
C ILE A 329 -20.26 14.75 -5.74
N ALA A 330 -21.01 15.78 -6.10
CA ALA A 330 -22.43 15.80 -5.84
C ALA A 330 -23.11 16.55 -6.97
N GLU A 331 -24.45 16.47 -7.01
CA GLU A 331 -25.19 17.30 -7.95
C GLU A 331 -24.93 18.77 -7.69
N SER A 332 -24.97 19.18 -6.43
CA SER A 332 -24.74 20.56 -6.03
C SER A 332 -24.41 20.58 -4.55
N ARG A 333 -23.80 21.69 -4.11
CA ARG A 333 -23.50 21.87 -2.69
C ARG A 333 -24.76 21.71 -1.84
N GLU A 334 -25.85 22.35 -2.26
CA GLU A 334 -27.09 22.25 -1.49
C GLU A 334 -27.59 20.81 -1.39
N MET A 335 -27.13 19.92 -2.26
CA MET A 335 -27.55 18.52 -2.24
C MET A 335 -26.53 17.60 -1.57
N LEU A 336 -25.59 18.16 -0.81
CA LEU A 336 -24.64 17.33 -0.08
C LEU A 336 -25.36 16.56 1.03
N PRO A 337 -24.79 15.32 1.44
CA PRO A 337 -25.43 14.55 2.52
C PRO A 337 -25.14 15.12 3.90
N PHE A 338 -25.77 16.26 4.21
CA PHE A 338 -25.63 16.87 5.53
C PHE A 338 -26.20 15.94 6.59
N TRP A 339 -25.63 15.99 7.80
CA TRP A 339 -26.07 15.11 8.87
C TRP A 339 -26.72 15.90 10.00
N MET A 340 -27.50 15.19 10.80
CA MET A 340 -28.36 15.80 11.79
C MET A 340 -27.57 15.99 13.07
N ASN A 341 -26.83 17.11 13.14
CA ASN A 341 -26.09 17.49 14.33
C ASN A 341 -26.92 18.35 15.29
N SER A 342 -28.20 18.57 14.97
CA SER A 342 -29.05 19.44 15.77
C SER A 342 -30.50 19.00 15.57
N THR A 343 -31.41 19.72 16.23
CA THR A 343 -32.80 19.26 16.31
C THR A 343 -33.48 19.29 14.94
N GLY A 344 -33.45 20.43 14.25
CA GLY A 344 -34.24 20.60 13.04
C GLY A 344 -33.62 20.05 11.77
N LYS A 345 -33.47 20.91 10.77
CA LYS A 345 -32.97 20.48 9.47
C LYS A 345 -31.53 20.00 9.58
N ARG A 346 -31.18 19.03 8.73
CA ARG A 346 -29.82 18.48 8.71
C ARG A 346 -28.87 19.51 8.12
N GLU A 347 -27.98 20.02 8.95
CA GLU A 347 -27.02 21.04 8.55
C GLU A 347 -25.58 20.67 8.81
N GLY A 348 -25.32 19.48 9.36
CA GLY A 348 -23.96 19.10 9.72
C GLY A 348 -23.12 18.78 8.50
N TRP A 349 -21.90 19.33 8.46
CA TRP A 349 -20.94 18.99 7.42
C TRP A 349 -20.27 17.65 7.75
N GLN A 350 -20.04 16.84 6.73
CA GLN A 350 -19.26 15.63 6.89
C GLN A 350 -17.78 15.97 6.81
N ARG A 351 -16.98 15.32 7.65
CA ARG A 351 -15.56 15.62 7.75
C ARG A 351 -14.67 14.44 7.35
N GLY A 352 -15.23 13.25 7.23
CA GLY A 352 -14.49 12.11 6.74
C GLY A 352 -15.33 11.33 5.76
N TRP A 353 -14.63 10.64 4.85
CA TRP A 353 -15.35 9.82 3.85
C TRP A 353 -14.40 8.76 3.30
N HIS A 354 -14.96 7.86 2.48
CA HIS A 354 -14.21 6.76 1.90
C HIS A 354 -14.89 6.33 0.60
N GLY A 355 -14.23 5.46 -0.14
CA GLY A 355 -14.76 5.04 -1.43
C GLY A 355 -13.74 5.18 -2.54
N TYR A 356 -12.72 6.01 -2.28
CA TYR A 356 -11.67 6.32 -3.23
C TYR A 356 -10.86 5.07 -3.61
N ASP A 357 -9.97 5.27 -4.59
CA ASP A 357 -8.93 4.32 -5.01
C ASP A 357 -8.50 3.43 -3.85
N ASN A 358 -8.63 2.12 -4.03
CA ASN A 358 -8.49 1.23 -2.88
C ASN A 358 -7.04 1.02 -2.47
N GLU A 359 -6.08 1.57 -3.23
CA GLU A 359 -4.67 1.50 -2.87
C GLU A 359 -4.19 2.72 -2.09
N LEU A 360 -5.07 3.69 -1.84
CA LEU A 360 -4.72 4.82 -0.98
C LEU A 360 -4.51 4.37 0.46
N MET A 361 -3.41 4.86 1.06
CA MET A 361 -3.09 4.47 2.43
C MET A 361 -4.25 4.69 3.39
N ASP A 362 -4.98 5.79 3.26
CA ASP A 362 -6.08 6.03 4.20
C ASP A 362 -7.26 5.08 4.01
N MET A 363 -7.36 4.41 2.87
CA MET A 363 -8.46 3.46 2.66
C MET A 363 -8.18 2.08 3.24
N ARG A 364 -6.97 1.87 3.75
CA ARG A 364 -6.61 0.59 4.35
C ARG A 364 -7.47 0.29 5.58
N GLY A 365 -7.86 -0.99 5.72
CA GLY A 365 -8.56 -1.49 6.87
C GLY A 365 -7.67 -2.39 7.73
N ILE A 366 -8.33 -3.23 8.55
CA ILE A 366 -7.62 -4.07 9.51
C ILE A 366 -8.02 -5.54 9.38
N PHE A 367 -7.13 -6.42 9.86
CA PHE A 367 -7.46 -7.82 10.08
C PHE A 367 -6.67 -8.32 11.29
N LEU A 368 -7.37 -8.96 12.23
CA LEU A 368 -6.73 -9.61 13.37
C LEU A 368 -7.42 -10.94 13.63
N ALA A 369 -6.71 -11.83 14.31
CA ALA A 369 -7.28 -13.12 14.63
C ALA A 369 -6.61 -13.67 15.88
N ILE A 370 -7.37 -14.42 16.66
CA ILE A 370 -6.88 -14.98 17.92
C ILE A 370 -7.65 -16.26 18.22
N GLY A 371 -6.93 -17.26 18.71
CA GLY A 371 -7.58 -18.51 19.06
C GLY A 371 -6.68 -19.71 18.80
N PRO A 372 -7.18 -20.91 19.08
CA PRO A 372 -6.35 -22.12 18.95
C PRO A 372 -5.65 -22.26 17.61
N ASP A 373 -6.24 -21.76 16.53
CA ASP A 373 -5.72 -22.01 15.19
C ASP A 373 -4.83 -20.90 14.66
N PHE A 374 -4.60 -19.85 15.43
CA PHE A 374 -3.78 -18.73 14.97
C PHE A 374 -2.54 -18.63 15.85
N LYS A 375 -1.41 -18.29 15.21
CA LYS A 375 -0.19 -18.00 15.93
C LYS A 375 -0.39 -16.81 16.86
N SER A 376 0.47 -16.70 17.87
CA SER A 376 0.34 -15.66 18.87
C SER A 376 1.52 -14.71 18.78
N ASN A 377 1.23 -13.42 18.99
CA ASN A 377 2.22 -12.35 18.86
C ASN A 377 2.89 -12.36 17.49
N PHE A 378 2.08 -12.55 16.44
CA PHE A 378 2.56 -12.74 15.08
C PHE A 378 2.13 -11.56 14.23
N ARG A 379 3.10 -10.80 13.70
CA ARG A 379 2.84 -9.68 12.80
C ARG A 379 2.88 -10.18 11.37
N ALA A 380 1.71 -10.26 10.74
CA ALA A 380 1.61 -10.79 9.38
C ALA A 380 1.70 -9.68 8.35
N ALA A 381 2.23 -10.04 7.17
CA ALA A 381 2.32 -9.13 6.04
C ALA A 381 0.91 -8.71 5.61
N PRO A 382 0.79 -7.56 4.92
CA PRO A 382 -0.55 -7.08 4.54
C PRO A 382 -1.25 -8.03 3.58
N ILE A 383 -2.57 -8.12 3.73
CA ILE A 383 -3.41 -8.97 2.89
C ILE A 383 -4.48 -8.10 2.23
N ARG A 384 -5.23 -8.73 1.32
CA ARG A 384 -6.30 -8.07 0.58
C ARG A 384 -7.63 -8.61 1.07
N SER A 385 -8.67 -7.80 0.88
CA SER A 385 -10.02 -8.21 1.30
CA SER A 385 -10.00 -8.22 1.32
C SER A 385 -10.40 -9.58 0.74
N VAL A 386 -9.99 -9.87 -0.49
CA VAL A 386 -10.33 -11.15 -1.10
C VAL A 386 -9.63 -12.33 -0.41
N ASP A 387 -8.61 -12.08 0.41
CA ASP A 387 -7.87 -13.17 1.03
C ASP A 387 -8.53 -13.74 2.29
N VAL A 388 -9.51 -13.03 2.87
CA VAL A 388 -10.01 -13.35 4.20
C VAL A 388 -10.89 -14.61 4.16
N TYR A 389 -11.64 -14.78 3.08
CA TYR A 389 -12.60 -15.87 2.96
C TYR A 389 -11.95 -17.24 3.14
N ASN A 390 -10.79 -17.45 2.50
CA ASN A 390 -10.09 -18.74 2.62
C ASN A 390 -9.75 -19.03 4.07
N ILE A 391 -9.35 -18.01 4.84
CA ILE A 391 -9.03 -18.20 6.25
C ILE A 391 -10.27 -18.60 7.02
N MET A 392 -11.36 -17.85 6.83
CA MET A 392 -12.59 -18.14 7.55
C MET A 392 -13.08 -19.55 7.25
N ALA A 393 -13.04 -19.93 5.97
CA ALA A 393 -13.54 -21.26 5.59
C ALA A 393 -12.68 -22.36 6.19
N HIS A 394 -11.36 -22.15 6.19
CA HIS A 394 -10.43 -23.13 6.73
C HIS A 394 -10.70 -23.38 8.20
N VAL A 395 -10.74 -22.32 9.02
CA VAL A 395 -10.91 -22.55 10.45
C VAL A 395 -12.34 -22.91 10.81
N ALA A 396 -13.31 -22.65 9.93
CA ALA A 396 -14.66 -23.15 10.13
C ALA A 396 -14.83 -24.59 9.66
N GLY A 397 -13.84 -25.14 8.98
CA GLY A 397 -13.90 -26.51 8.54
C GLY A 397 -14.75 -26.74 7.31
N ILE A 398 -14.84 -25.77 6.40
CA ILE A 398 -15.64 -25.94 5.21
C ILE A 398 -14.78 -25.66 3.99
N THR A 399 -15.05 -26.38 2.91
CA THR A 399 -14.27 -26.18 1.70
C THR A 399 -14.65 -24.85 1.07
N PRO A 400 -13.69 -23.97 0.78
CA PRO A 400 -14.05 -22.71 0.13
C PRO A 400 -14.47 -22.91 -1.32
N LEU A 401 -15.50 -22.17 -1.73
CA LEU A 401 -15.80 -22.07 -3.15
C LEU A 401 -14.64 -21.36 -3.86
N PRO A 402 -14.43 -21.65 -5.16
CA PRO A 402 -13.34 -20.98 -5.90
C PRO A 402 -13.45 -19.47 -5.81
N ASN A 403 -12.32 -18.81 -5.57
CA ASN A 403 -12.35 -17.39 -5.27
C ASN A 403 -11.04 -16.75 -5.71
N ASN A 404 -10.89 -15.47 -5.40
CA ASN A 404 -9.75 -14.67 -5.87
C ASN A 404 -8.73 -14.43 -4.77
N GLY A 405 -8.93 -15.02 -3.60
CA GLY A 405 -7.93 -14.92 -2.55
C GLY A 405 -6.68 -15.71 -2.89
N SER A 406 -5.59 -15.28 -2.27
CA SER A 406 -4.29 -15.91 -2.40
C SER A 406 -3.97 -16.60 -1.08
N TRP A 407 -3.99 -17.94 -1.07
CA TRP A 407 -3.57 -18.69 0.11
C TRP A 407 -2.13 -18.36 0.48
N SER A 408 -1.26 -18.15 -0.51
CA SER A 408 0.13 -17.83 -0.20
C SER A 408 0.24 -16.54 0.60
N ARG A 409 -0.68 -15.60 0.42
CA ARG A 409 -0.59 -14.34 1.14
C ARG A 409 -1.02 -14.45 2.60
N VAL A 410 -1.63 -15.56 3.03
CA VAL A 410 -2.21 -15.64 4.38
C VAL A 410 -1.77 -16.87 5.16
N VAL A 411 -1.20 -17.88 4.48
CA VAL A 411 -1.06 -19.20 5.11
C VAL A 411 -0.17 -19.15 6.36
N SER A 412 0.81 -18.25 6.40
CA SER A 412 1.79 -18.28 7.48
C SER A 412 1.24 -17.80 8.83
N MET A 413 0.02 -17.25 8.87
CA MET A 413 -0.57 -16.84 10.16
C MET A 413 -1.23 -18.01 10.88
N LEU A 414 -1.43 -19.14 10.23
CA LEU A 414 -2.09 -20.29 10.85
C LEU A 414 -1.08 -21.19 11.55
N LYS A 415 -1.49 -21.76 12.68
CA LYS A 415 -0.66 -22.73 13.41
C LYS A 415 -0.51 -24.03 12.61
N HIS B 23 24.89 -23.99 2.01
CA HIS B 23 24.44 -22.68 1.54
C HIS B 23 24.91 -22.43 0.10
N ARG B 24 24.26 -21.49 -0.60
CA ARG B 24 24.47 -21.32 -2.01
C ARG B 24 25.10 -19.98 -2.35
N LYS B 25 25.62 -19.89 -3.56
CA LYS B 25 26.04 -18.62 -4.12
C LYS B 25 24.81 -17.72 -4.32
N LEU B 26 25.05 -16.42 -4.39
CA LEU B 26 23.95 -15.47 -4.51
C LEU B 26 24.31 -14.39 -5.52
N LEU B 27 23.39 -14.13 -6.44
CA LEU B 27 23.45 -13.02 -7.39
C LEU B 27 22.33 -12.05 -7.06
N VAL B 28 22.67 -10.80 -6.79
CA VAL B 28 21.67 -9.78 -6.43
C VAL B 28 21.67 -8.72 -7.51
N LEU B 29 20.48 -8.35 -7.99
CA LEU B 29 20.31 -7.33 -9.01
C LEU B 29 19.45 -6.20 -8.46
N LEU B 30 19.99 -4.98 -8.47
CA LEU B 30 19.27 -3.78 -8.06
C LEU B 30 18.91 -3.00 -9.33
N LEU B 31 17.61 -2.89 -9.61
CA LEU B 31 17.10 -2.21 -10.80
C LEU B 31 16.53 -0.88 -10.35
N ASP B 32 17.29 0.19 -10.53
CA ASP B 32 16.90 1.49 -10.01
C ASP B 32 15.58 1.97 -10.63
N GLY B 33 14.70 2.49 -9.78
CA GLY B 33 13.50 3.15 -10.29
C GLY B 33 12.46 2.23 -10.90
N PHE B 34 12.49 0.94 -10.56
CA PHE B 34 11.60 -0.06 -11.14
C PHE B 34 10.34 -0.10 -10.28
N ARG B 35 9.26 0.51 -10.79
CA ARG B 35 8.01 0.62 -10.08
C ARG B 35 7.24 -0.70 -10.11
N SER B 36 6.47 -0.95 -9.04
CA SER B 36 5.81 -2.25 -8.86
C SER B 36 4.93 -2.60 -10.04
N ASP B 37 4.15 -1.66 -10.55
CA ASP B 37 3.20 -2.03 -11.58
C ASP B 37 3.84 -2.11 -12.96
N TYR B 38 5.15 -1.83 -13.05
CA TYR B 38 5.87 -2.13 -14.30
C TYR B 38 5.79 -3.60 -14.67
N ILE B 39 5.58 -4.48 -13.70
CA ILE B 39 5.40 -5.90 -13.97
C ILE B 39 4.03 -6.36 -13.43
N SER B 40 3.03 -5.51 -13.61
CA SER B 40 1.65 -5.94 -13.41
C SER B 40 1.35 -7.17 -14.27
N GLU B 41 0.23 -7.83 -13.96
CA GLU B 41 -0.19 -8.96 -14.76
C GLU B 41 -0.32 -8.58 -16.24
N ASP B 42 -0.89 -7.40 -16.52
CA ASP B 42 -1.03 -6.94 -17.90
C ASP B 42 0.32 -6.77 -18.57
N ALA B 43 1.26 -6.13 -17.87
CA ALA B 43 2.57 -5.89 -18.46
C ALA B 43 3.34 -7.17 -18.67
N LEU B 44 3.15 -8.16 -17.80
CA LEU B 44 3.94 -9.39 -17.90
C LEU B 44 3.65 -10.15 -19.18
N ALA B 45 2.50 -9.88 -19.82
CA ALA B 45 2.14 -10.57 -21.06
C ALA B 45 3.16 -10.35 -22.17
N SER B 46 3.90 -9.24 -22.13
CA SER B 46 4.93 -8.99 -23.15
C SER B 46 6.33 -8.89 -22.54
N LEU B 47 6.57 -9.53 -21.40
CA LEU B 47 7.86 -9.50 -20.70
C LEU B 47 8.27 -10.93 -20.41
N PRO B 48 8.79 -11.66 -21.40
CA PRO B 48 9.06 -13.09 -21.20
C PRO B 48 10.13 -13.39 -20.16
N GLY B 49 11.12 -12.53 -20.00
CA GLY B 49 12.13 -12.75 -18.99
C GLY B 49 11.55 -12.69 -17.60
N PHE B 50 10.82 -11.62 -17.27
CA PHE B 50 10.19 -11.52 -15.96
C PHE B 50 9.13 -12.59 -15.80
N ARG B 51 8.44 -12.92 -16.88
CA ARG B 51 7.39 -13.92 -16.77
C ARG B 51 7.96 -15.26 -16.33
N GLU B 52 9.13 -15.63 -16.86
CA GLU B 52 9.75 -16.88 -16.48
C GLU B 52 10.18 -16.87 -15.02
N ILE B 53 10.73 -15.75 -14.55
CA ILE B 53 11.08 -15.65 -13.13
C ILE B 53 9.83 -15.77 -12.27
N VAL B 54 8.75 -15.09 -12.66
CA VAL B 54 7.51 -15.20 -11.90
C VAL B 54 6.99 -16.63 -11.93
N ASN B 55 7.06 -17.28 -13.10
CA ASN B 55 6.49 -18.62 -13.24
C ASN B 55 7.31 -19.67 -12.49
N ARG B 56 8.61 -19.47 -12.36
CA ARG B 56 9.48 -20.46 -11.74
C ARG B 56 10.06 -20.00 -10.39
N GLY B 57 9.63 -18.85 -9.88
CA GLY B 57 10.16 -18.33 -8.63
C GLY B 57 9.16 -17.56 -7.79
N VAL B 58 9.66 -16.57 -7.04
CA VAL B 58 8.87 -15.79 -6.09
C VAL B 58 8.70 -14.37 -6.62
N LYS B 59 7.49 -13.83 -6.49
CA LYS B 59 7.26 -12.41 -6.73
C LYS B 59 6.39 -11.84 -5.62
N VAL B 60 6.84 -10.76 -4.98
CA VAL B 60 5.96 -10.08 -4.03
C VAL B 60 5.05 -9.14 -4.78
N ASP B 61 3.86 -8.91 -4.23
CA ASP B 61 2.92 -7.97 -4.83
C ASP B 61 3.57 -6.62 -5.05
N TYR B 62 4.31 -6.13 -4.06
CA TYR B 62 5.14 -4.95 -4.22
C TYR B 62 6.09 -4.86 -3.05
N LEU B 63 7.12 -4.02 -3.21
CA LEU B 63 8.09 -3.68 -2.19
C LEU B 63 7.84 -2.24 -1.77
N THR B 64 7.59 -2.01 -0.49
CA THR B 64 7.41 -0.64 -0.01
C THR B 64 8.75 -0.07 0.42
N PRO B 65 9.22 1.01 -0.19
CA PRO B 65 10.55 1.52 0.14
C PRO B 65 10.52 2.28 1.48
N ASP B 66 11.72 2.61 1.96
CA ASP B 66 11.87 3.53 3.09
C ASP B 66 11.60 4.96 2.64
N PHE B 67 11.25 5.82 3.60
CA PHE B 67 11.22 7.26 3.37
C PHE B 67 12.61 7.83 3.63
N PRO B 68 13.11 8.72 2.78
CA PRO B 68 12.52 9.21 1.53
C PRO B 68 12.73 8.19 0.43
N SER B 69 11.85 8.17 -0.57
CA SER B 69 11.93 7.15 -1.61
C SER B 69 12.95 7.56 -2.68
N LEU B 70 14.19 7.68 -2.20
CA LEU B 70 15.37 8.10 -2.95
C LEU B 70 16.40 6.96 -2.96
N SER B 71 17.39 7.09 -3.85
CA SER B 71 18.40 6.05 -4.06
C SER B 71 19.29 5.72 -2.87
N TYR B 72 20.27 6.56 -2.57
CA TYR B 72 21.21 6.21 -1.50
C TYR B 72 20.54 5.81 -0.21
N PRO B 73 19.49 6.50 0.29
CA PRO B 73 18.79 5.98 1.47
C PRO B 73 18.31 4.54 1.30
N ASN B 74 17.65 4.23 0.20
CA ASN B 74 17.09 2.88 0.08
C ASN B 74 18.14 1.84 -0.28
N TYR B 75 19.20 2.21 -1.03
CA TYR B 75 20.32 1.27 -1.20
C TYR B 75 20.77 0.74 0.15
N TYR B 76 20.86 1.61 1.14
CA TYR B 76 21.41 1.17 2.41
C TYR B 76 20.35 0.47 3.25
N THR B 77 19.09 0.89 3.15
CA THR B 77 18.02 0.12 3.78
C THR B 77 18.03 -1.32 3.28
N LEU B 78 18.09 -1.52 1.96
CA LEU B 78 18.06 -2.87 1.39
C LEU B 78 19.21 -3.71 1.91
N MET B 79 20.40 -3.12 2.04
CA MET B 79 21.57 -3.93 2.35
C MET B 79 21.92 -3.95 3.84
N THR B 80 21.13 -3.28 4.69
CA THR B 80 21.29 -3.36 6.15
C THR B 80 20.07 -3.91 6.87
N GLY B 81 18.90 -3.91 6.24
CA GLY B 81 17.66 -4.25 6.93
C GLY B 81 17.23 -3.22 7.95
N ARG B 82 17.76 -2.00 7.89
CA ARG B 82 17.48 -0.98 8.89
C ARG B 82 16.90 0.26 8.24
N HIS B 83 16.03 0.97 8.98
CA HIS B 83 15.49 2.24 8.51
C HIS B 83 16.58 3.32 8.45
N CYS B 84 16.28 4.40 7.69
CA CYS B 84 17.30 5.41 7.41
C CYS B 84 17.72 6.17 8.66
N GLU B 85 16.83 6.34 9.64
CA GLU B 85 17.24 6.96 10.89
C GLU B 85 18.22 6.10 11.66
N VAL B 86 18.31 4.81 11.33
CA VAL B 86 19.27 3.91 11.96
C VAL B 86 20.59 3.84 11.18
N HIS B 87 20.53 3.54 9.87
CA HIS B 87 21.79 3.44 9.13
C HIS B 87 22.39 4.78 8.75
N GLN B 88 21.63 5.87 8.90
CA GLN B 88 22.03 7.27 8.85
C GLN B 88 22.09 7.86 7.45
N MET B 89 21.96 7.08 6.38
CA MET B 89 22.00 7.68 5.04
C MET B 89 20.58 8.17 4.70
N ILE B 90 20.28 9.41 5.09
CA ILE B 90 18.90 9.90 5.07
C ILE B 90 18.58 10.73 3.84
N GLY B 91 19.55 10.97 2.95
CA GLY B 91 19.27 11.72 1.75
C GLY B 91 20.22 11.35 0.62
N ASN B 92 19.84 11.74 -0.59
CA ASN B 92 20.82 11.74 -1.67
C ASN B 92 21.84 12.83 -1.46
N TYR B 93 21.43 13.93 -0.83
CA TYR B 93 22.30 15.05 -0.51
C TYR B 93 22.25 15.27 0.99
N MET B 94 23.42 15.32 1.63
CA MET B 94 23.51 15.49 3.07
C MET B 94 24.62 16.47 3.41
N TRP B 95 24.59 16.96 4.64
CA TRP B 95 25.52 17.95 5.13
C TRP B 95 25.78 17.71 6.61
N ASP B 96 27.07 17.70 6.99
CA ASP B 96 27.43 17.61 8.39
C ASP B 96 27.84 19.00 8.85
N PRO B 97 26.97 19.76 9.50
CA PRO B 97 27.35 21.10 9.96
C PRO B 97 28.50 21.09 10.95
N ARG B 98 28.78 19.95 11.58
CA ARG B 98 29.89 19.87 12.51
C ARG B 98 31.23 19.91 11.79
N THR B 99 31.33 19.27 10.62
CA THR B 99 32.56 19.24 9.85
C THR B 99 32.51 20.08 8.58
N ASN B 100 31.39 20.74 8.30
CA ASN B 100 31.19 21.52 7.08
C ASN B 100 31.39 20.69 5.81
N LYS B 101 31.20 19.37 5.91
CA LYS B 101 31.38 18.46 4.78
C LYS B 101 30.02 17.98 4.27
N SER B 102 29.95 17.75 2.96
CA SER B 102 28.71 17.40 2.27
C SER B 102 28.81 16.05 1.57
N PHE B 103 27.67 15.38 1.44
CA PHE B 103 27.51 14.20 0.59
C PHE B 103 26.55 14.62 -0.52
N ASP B 104 27.08 14.79 -1.73
CA ASP B 104 26.31 15.32 -2.86
C ASP B 104 26.09 14.19 -3.87
N ILE B 105 25.09 13.37 -3.58
CA ILE B 105 24.68 12.20 -4.36
C ILE B 105 25.88 11.40 -4.87
N GLY B 106 26.89 11.25 -4.02
CA GLY B 106 28.02 10.41 -4.32
C GLY B 106 29.06 10.98 -5.28
N VAL B 107 28.90 12.22 -5.71
CA VAL B 107 29.71 12.73 -6.83
C VAL B 107 30.96 13.46 -6.33
N ASN B 108 30.82 14.28 -5.29
CA ASN B 108 31.98 14.98 -4.75
C ASN B 108 32.86 14.04 -3.96
N ARG B 109 34.13 14.40 -3.83
CA ARG B 109 35.10 13.48 -3.26
C ARG B 109 34.79 13.17 -1.81
N ASP B 110 34.23 14.15 -1.09
CA ASP B 110 33.92 13.89 0.32
C ASP B 110 32.78 12.90 0.51
N SER B 111 32.09 12.51 -0.58
CA SER B 111 31.11 11.42 -0.48
C SER B 111 31.76 10.09 -0.12
N LEU B 112 33.07 9.96 -0.35
CA LEU B 112 33.82 8.76 -0.03
C LEU B 112 34.20 8.67 1.44
N MET B 113 33.90 9.69 2.24
CA MET B 113 34.28 9.66 3.65
C MET B 113 33.46 8.61 4.39
N PRO B 114 34.09 7.74 5.18
CA PRO B 114 33.32 6.76 5.96
C PRO B 114 32.33 7.37 6.92
N LEU B 115 32.47 8.66 7.25
CA LEU B 115 31.48 9.37 8.07
C LEU B 115 30.06 9.13 7.58
N TRP B 116 29.87 9.10 6.25
CA TRP B 116 28.53 8.94 5.68
C TRP B 116 28.05 7.50 5.68
N TRP B 117 28.96 6.54 5.80
CA TRP B 117 28.68 5.14 5.54
C TRP B 117 28.77 4.27 6.78
N ASN B 118 29.39 4.76 7.86
CA ASN B 118 29.71 3.89 8.99
C ASN B 118 28.54 3.71 9.96
N GLY B 119 27.37 4.29 9.66
CA GLY B 119 26.27 4.27 10.61
C GLY B 119 25.61 2.90 10.79
N SER B 120 25.84 1.98 9.85
CA SER B 120 25.49 0.59 10.01
C SER B 120 26.30 -0.23 9.02
N GLU B 121 26.49 -1.51 9.33
CA GLU B 121 27.30 -2.39 8.49
C GLU B 121 26.43 -3.05 7.43
N PRO B 122 26.71 -2.86 6.14
CA PRO B 122 25.91 -3.51 5.11
C PRO B 122 26.36 -4.94 4.86
N LEU B 123 25.48 -5.71 4.20
CA LEU B 123 25.69 -7.16 4.10
C LEU B 123 27.02 -7.53 3.44
N TRP B 124 27.45 -6.76 2.42
CA TRP B 124 28.68 -7.18 1.75
C TRP B 124 29.89 -7.05 2.66
N ILE B 125 29.86 -6.10 3.59
CA ILE B 125 30.98 -5.95 4.53
C ILE B 125 30.95 -7.09 5.55
N THR B 126 29.77 -7.43 6.04
CA THR B 126 29.66 -8.58 6.92
C THR B 126 30.18 -9.84 6.25
N LEU B 127 29.86 -10.03 4.96
CA LEU B 127 30.34 -11.21 4.24
C LEU B 127 31.86 -11.21 4.11
N MET B 128 32.46 -10.07 3.75
CA MET B 128 33.92 -10.00 3.69
C MET B 128 34.55 -10.33 5.03
N LYS B 129 34.02 -9.78 6.13
CA LYS B 129 34.61 -10.04 7.44
C LYS B 129 34.50 -11.51 7.82
N ALA B 130 33.49 -12.22 7.29
CA ALA B 130 33.34 -13.66 7.46
C ALA B 130 34.09 -14.43 6.39
N ARG B 131 35.03 -13.79 5.69
CA ARG B 131 35.88 -14.42 4.69
C ARG B 131 35.10 -14.97 3.49
N ARG B 132 33.91 -14.44 3.23
CA ARG B 132 33.28 -14.72 1.94
C ARG B 132 33.82 -13.72 0.91
N LYS B 133 33.65 -14.05 -0.37
CA LYS B 133 34.16 -13.23 -1.46
C LYS B 133 33.01 -12.48 -2.13
N VAL B 134 33.18 -11.18 -2.35
CA VAL B 134 32.10 -10.33 -2.88
C VAL B 134 32.61 -9.55 -4.09
N TYR B 135 31.92 -9.70 -5.22
CA TYR B 135 32.14 -8.93 -6.45
C TYR B 135 30.96 -7.98 -6.65
N MET B 136 31.25 -6.70 -6.89
CA MET B 136 30.19 -5.72 -7.05
C MET B 136 30.40 -4.94 -8.34
N TYR B 137 29.33 -4.74 -9.09
CA TYR B 137 29.39 -4.15 -10.42
C TYR B 137 28.52 -2.90 -10.42
N TYR B 138 29.16 -1.73 -10.51
CA TYR B 138 28.51 -0.41 -10.55
C TYR B 138 27.67 -0.11 -9.31
N TRP B 139 27.82 -0.87 -8.24
CA TRP B 139 26.94 -0.75 -7.08
C TRP B 139 27.33 0.48 -6.27
N PRO B 140 26.47 1.49 -6.16
CA PRO B 140 26.85 2.71 -5.42
C PRO B 140 27.17 2.36 -3.97
N GLY B 141 28.39 2.71 -3.56
CA GLY B 141 28.92 2.33 -2.27
C GLY B 141 30.01 1.27 -2.32
N CYS B 142 30.12 0.51 -3.42
CA CYS B 142 31.16 -0.52 -3.43
C CYS B 142 32.56 0.09 -3.47
N GLU B 143 32.67 1.36 -3.87
CA GLU B 143 33.95 2.05 -4.00
C GLU B 143 34.43 2.69 -2.70
N VAL B 144 33.70 2.47 -1.60
CA VAL B 144 33.96 3.10 -0.32
C VAL B 144 34.62 2.10 0.62
N GLU B 145 35.59 2.57 1.42
CA GLU B 145 36.05 1.78 2.56
C GLU B 145 35.02 1.95 3.69
N ILE B 146 34.22 0.93 3.95
CA ILE B 146 33.16 1.00 4.95
C ILE B 146 33.59 0.20 6.16
N LEU B 147 33.65 0.85 7.32
CA LEU B 147 34.07 0.20 8.57
C LEU B 147 35.40 -0.53 8.40
N GLY B 148 36.31 0.09 7.62
CA GLY B 148 37.64 -0.43 7.38
C GLY B 148 37.74 -1.54 6.35
N VAL B 149 36.64 -1.87 5.64
CA VAL B 149 36.57 -3.04 4.77
C VAL B 149 36.12 -2.64 3.37
N ARG B 150 36.54 -3.42 2.37
CA ARG B 150 36.15 -3.25 0.97
C ARG B 150 35.79 -4.60 0.39
N PRO B 151 34.95 -4.63 -0.65
CA PRO B 151 34.66 -5.89 -1.33
C PRO B 151 35.85 -6.42 -2.09
N THR B 152 35.84 -7.74 -2.34
CA THR B 152 36.89 -8.37 -3.16
C THR B 152 37.09 -7.63 -4.47
N TYR B 153 35.99 -7.25 -5.12
CA TYR B 153 36.05 -6.60 -6.41
C TYR B 153 34.94 -5.58 -6.48
N CYS B 154 35.28 -4.39 -6.98
CA CYS B 154 34.30 -3.34 -7.24
C CYS B 154 34.59 -2.76 -8.61
N LEU B 155 33.59 -2.79 -9.48
CA LEU B 155 33.61 -2.05 -10.75
C LEU B 155 32.84 -0.76 -10.47
N GLU B 156 33.59 0.33 -10.30
CA GLU B 156 33.01 1.54 -9.72
C GLU B 156 31.97 2.18 -10.65
N TYR B 157 30.90 2.72 -10.04
CA TYR B 157 29.95 3.52 -10.81
C TYR B 157 30.63 4.81 -11.25
N LYS B 158 30.55 5.11 -12.54
CA LYS B 158 31.04 6.39 -13.08
C LYS B 158 29.92 7.13 -13.80
N THR B 159 29.43 6.61 -14.91
CA THR B 159 28.30 7.18 -15.62
C THR B 159 27.17 6.15 -15.63
N VAL B 160 26.03 6.54 -16.20
CA VAL B 160 24.88 5.65 -16.29
C VAL B 160 25.30 4.41 -17.08
N PRO B 161 25.23 3.21 -16.51
CA PRO B 161 25.63 2.02 -17.27
C PRO B 161 24.68 1.78 -18.43
N THR B 162 25.24 1.28 -19.54
CA THR B 162 24.43 0.97 -20.70
C THR B 162 23.82 -0.43 -20.57
N ASP B 163 22.85 -0.72 -21.45
CA ASP B 163 22.28 -2.06 -21.47
C ASP B 163 23.33 -3.10 -21.85
N ILE B 164 24.33 -2.72 -22.64
CA ILE B 164 25.44 -3.63 -22.91
C ILE B 164 26.30 -3.80 -21.66
N ASN B 165 26.57 -2.70 -20.95
CA ASN B 165 27.27 -2.81 -19.66
C ASN B 165 26.58 -3.79 -18.73
N PHE B 166 25.24 -3.70 -18.67
CA PHE B 166 24.47 -4.57 -17.78
C PHE B 166 24.63 -6.03 -18.18
N ALA B 167 24.44 -6.34 -19.47
CA ALA B 167 24.54 -7.72 -19.91
C ALA B 167 25.94 -8.29 -19.68
N ASN B 168 26.98 -7.49 -19.97
CA ASN B 168 28.35 -7.92 -19.71
C ASN B 168 28.61 -8.14 -18.21
N ALA B 169 28.03 -7.29 -17.36
CA ALA B 169 28.18 -7.50 -15.92
C ALA B 169 27.51 -8.79 -15.47
N VAL B 170 26.31 -9.07 -15.98
CA VAL B 170 25.65 -10.32 -15.63
C VAL B 170 26.50 -11.50 -16.06
N SER B 171 27.06 -11.43 -17.27
CA SER B 171 27.89 -12.55 -17.75
C SER B 171 29.15 -12.69 -16.91
N ASP B 172 29.85 -11.59 -16.66
CA ASP B 172 31.07 -11.65 -15.84
C ASP B 172 30.77 -12.12 -14.42
N ALA B 173 29.67 -11.66 -13.83
CA ALA B 173 29.30 -12.11 -12.49
C ALA B 173 29.05 -13.61 -12.46
N LEU B 174 28.30 -14.13 -13.43
CA LEU B 174 28.06 -15.57 -13.44
C LEU B 174 29.39 -16.34 -13.57
N ASP B 175 30.30 -15.85 -14.42
CA ASP B 175 31.62 -16.49 -14.50
C ASP B 175 32.34 -16.46 -13.16
N SER B 176 32.29 -15.33 -12.45
CA SER B 176 33.00 -15.23 -11.19
CA SER B 176 33.01 -15.23 -11.19
C SER B 176 32.38 -16.11 -10.11
N LEU B 177 31.06 -16.27 -10.14
CA LEU B 177 30.40 -17.17 -9.19
C LEU B 177 30.71 -18.62 -9.52
N LYS B 178 30.68 -18.97 -10.81
CA LYS B 178 30.94 -20.35 -11.23
C LYS B 178 32.34 -20.78 -10.82
N SER B 179 33.34 -19.92 -11.08
CA SER B 179 34.72 -20.22 -10.75
C SER B 179 35.01 -20.18 -9.25
N GLY B 180 34.07 -19.72 -8.43
CA GLY B 180 34.33 -19.56 -7.01
C GLY B 180 35.11 -18.31 -6.65
N ARG B 181 35.47 -17.46 -7.62
CA ARG B 181 36.10 -16.18 -7.29
C ARG B 181 35.18 -15.29 -6.47
N ALA B 182 33.86 -15.46 -6.60
CA ALA B 182 32.87 -14.74 -5.81
C ALA B 182 31.89 -15.73 -5.18
N ASP B 183 31.44 -15.41 -3.96
CA ASP B 183 30.30 -16.06 -3.32
C ASP B 183 29.03 -15.22 -3.38
N LEU B 184 29.17 -13.90 -3.37
CA LEU B 184 28.09 -12.96 -3.62
C LEU B 184 28.52 -12.08 -4.78
N ALA B 185 27.63 -11.90 -5.76
CA ALA B 185 27.84 -10.92 -6.81
C ALA B 185 26.63 -10.00 -6.84
N ALA B 186 26.87 -8.72 -6.91
CA ALA B 186 25.83 -7.71 -6.81
C ALA B 186 25.97 -6.74 -7.97
N ILE B 187 24.89 -6.54 -8.71
CA ILE B 187 24.91 -5.75 -9.94
C ILE B 187 23.86 -4.66 -9.85
N TYR B 188 24.23 -3.43 -10.23
CA TYR B 188 23.36 -2.27 -10.24
C TYR B 188 23.08 -1.81 -11.66
N HIS B 189 21.81 -1.47 -11.95
CA HIS B 189 21.40 -0.97 -13.26
C HIS B 189 20.48 0.23 -13.11
N GLU B 190 20.75 1.30 -13.87
CA GLU B 190 20.10 2.59 -13.65
C GLU B 190 19.10 3.02 -14.74
N ARG B 191 19.17 2.45 -15.94
CA ARG B 191 18.56 3.13 -17.10
C ARG B 191 17.03 3.16 -17.03
N ILE B 192 16.38 2.26 -16.28
CA ILE B 192 14.93 2.38 -16.13
C ILE B 192 14.58 3.63 -15.33
N ASP B 193 15.41 3.98 -14.34
CA ASP B 193 15.22 5.20 -13.58
C ASP B 193 15.43 6.43 -14.46
N VAL B 194 16.49 6.41 -15.27
CA VAL B 194 16.82 7.56 -16.12
C VAL B 194 15.68 7.87 -17.09
N GLU B 195 15.19 6.85 -17.80
CA GLU B 195 14.13 7.08 -18.78
C GLU B 195 12.81 7.43 -18.12
N GLY B 196 12.52 6.83 -16.96
CA GLY B 196 11.40 7.29 -16.16
C GLY B 196 11.48 8.76 -15.82
N HIS B 197 12.67 9.24 -15.49
CA HIS B 197 12.87 10.66 -15.20
C HIS B 197 12.68 11.50 -16.45
N HIS B 198 13.40 11.17 -17.52
CA HIS B 198 13.49 12.08 -18.65
C HIS B 198 12.21 12.09 -19.48
N TYR B 199 11.43 11.01 -19.45
CA TYR B 199 10.25 10.92 -20.29
C TYR B 199 8.96 10.57 -19.54
N GLY B 200 9.03 10.19 -18.27
CA GLY B 200 7.85 9.82 -17.54
C GLY B 200 7.69 8.31 -17.42
N PRO B 201 7.08 7.86 -16.32
CA PRO B 201 6.92 6.41 -16.10
C PRO B 201 6.10 5.69 -17.14
N SER B 202 5.16 6.37 -17.80
N SER B 202 5.16 6.37 -17.81
CA SER B 202 4.32 5.74 -18.81
CA SER B 202 4.32 5.74 -18.81
C SER B 202 4.88 5.86 -20.22
C SER B 202 4.90 5.83 -20.22
N SER B 203 6.09 6.39 -20.38
CA SER B 203 6.61 6.70 -21.70
C SER B 203 7.09 5.46 -22.44
N PRO B 204 7.07 5.49 -23.78
CA PRO B 204 7.67 4.40 -24.54
C PRO B 204 9.16 4.25 -24.28
N GLN B 205 9.84 5.35 -23.97
CA GLN B 205 11.27 5.26 -23.67
C GLN B 205 11.52 4.46 -22.39
N ARG B 206 10.71 4.68 -21.35
CA ARG B 206 10.86 3.86 -20.14
C ARG B 206 10.57 2.40 -20.44
N LYS B 207 9.53 2.14 -21.25
CA LYS B 207 9.16 0.77 -21.56
C LYS B 207 10.26 0.07 -22.35
N ASP B 208 10.92 0.81 -23.26
CA ASP B 208 12.04 0.25 -24.01
C ASP B 208 13.19 -0.13 -23.08
N ALA B 209 13.50 0.72 -22.11
CA ALA B 209 14.55 0.38 -21.15
C ALA B 209 14.18 -0.87 -20.37
N LEU B 210 12.91 -0.99 -19.99
CA LEU B 210 12.46 -2.20 -19.29
C LEU B 210 12.58 -3.43 -20.18
N ARG B 211 12.22 -3.30 -21.46
CA ARG B 211 12.33 -4.42 -22.36
C ARG B 211 13.78 -4.85 -22.55
N ALA B 212 14.71 -3.90 -22.51
CA ALA B 212 16.12 -4.30 -22.61
C ALA B 212 16.54 -5.13 -21.40
N VAL B 213 16.08 -4.75 -20.20
CA VAL B 213 16.39 -5.52 -18.99
C VAL B 213 15.75 -6.90 -19.06
N ASP B 214 14.51 -6.96 -19.55
CA ASP B 214 13.79 -8.22 -19.69
C ASP B 214 14.56 -9.20 -20.57
N THR B 215 15.12 -8.70 -21.67
CA THR B 215 15.92 -9.54 -22.55
C THR B 215 17.18 -10.04 -21.85
N VAL B 216 17.85 -9.16 -21.10
CA VAL B 216 19.06 -9.57 -20.39
C VAL B 216 18.73 -10.65 -19.37
N LEU B 217 17.57 -10.52 -18.70
CA LEU B 217 17.18 -11.54 -17.72
C LEU B 217 16.89 -12.88 -18.38
N LYS B 218 16.32 -12.86 -19.59
CA LYS B 218 16.14 -14.09 -20.35
C LYS B 218 17.48 -14.77 -20.63
N TYR B 219 18.49 -13.98 -21.00
CA TYR B 219 19.82 -14.54 -21.21
C TYR B 219 20.45 -15.01 -19.90
N MET B 220 20.23 -14.26 -18.81
CA MET B 220 20.74 -14.67 -17.51
C MET B 220 20.24 -16.06 -17.13
N ILE B 221 18.94 -16.31 -17.33
CA ILE B 221 18.39 -17.63 -17.06
C ILE B 221 19.09 -18.68 -17.92
N GLN B 222 19.25 -18.39 -19.20
CA GLN B 222 19.90 -19.33 -20.12
C GLN B 222 21.34 -19.60 -19.71
N TRP B 223 22.07 -18.55 -19.33
CA TRP B 223 23.48 -18.70 -18.96
C TRP B 223 23.64 -19.50 -17.68
N ILE B 224 22.78 -19.23 -16.68
CA ILE B 224 22.82 -20.00 -15.44
C ILE B 224 22.71 -21.49 -15.74
N GLN B 225 21.77 -21.84 -16.61
CA GLN B 225 21.60 -23.26 -16.94
C GLN B 225 22.76 -23.77 -17.78
N ASP B 226 23.16 -23.02 -18.81
CA ASP B 226 24.17 -23.51 -19.73
C ASP B 226 25.54 -23.61 -19.07
N ARG B 227 25.83 -22.76 -18.10
CA ARG B 227 27.11 -22.80 -17.41
C ARG B 227 27.07 -23.69 -16.18
N GLY B 228 25.99 -24.42 -15.96
CA GLY B 228 25.93 -25.40 -14.89
C GLY B 228 25.82 -24.83 -13.49
N LEU B 229 25.20 -23.66 -13.34
CA LEU B 229 25.07 -23.00 -12.04
C LEU B 229 23.71 -23.21 -11.39
N GLN B 230 22.80 -23.97 -12.01
CA GLN B 230 21.41 -23.99 -11.57
C GLN B 230 21.26 -24.41 -10.11
N GLN B 231 21.99 -25.44 -9.68
CA GLN B 231 21.82 -25.94 -8.32
C GLN B 231 22.62 -25.16 -7.28
N ASP B 232 23.56 -24.31 -7.69
CA ASP B 232 24.43 -23.63 -6.72
C ASP B 232 24.18 -22.13 -6.63
N LEU B 233 23.03 -21.65 -7.11
CA LEU B 233 22.84 -20.20 -7.20
C LEU B 233 21.38 -19.84 -6.96
N ASN B 234 21.14 -18.84 -6.09
CA ASN B 234 19.87 -18.12 -6.06
C ASN B 234 20.07 -16.76 -6.68
N VAL B 235 19.00 -16.22 -7.29
CA VAL B 235 19.02 -14.84 -7.80
C VAL B 235 17.92 -14.06 -7.11
N ILE B 236 18.26 -12.88 -6.59
CA ILE B 236 17.33 -11.98 -5.96
C ILE B 236 17.34 -10.66 -6.73
N LEU B 237 16.17 -10.12 -7.03
CA LEU B 237 16.05 -8.88 -7.79
C LEU B 237 15.14 -7.92 -7.02
N PHE B 238 15.54 -6.66 -6.93
CA PHE B 238 14.69 -5.67 -6.28
C PHE B 238 15.00 -4.28 -6.81
N SER B 239 14.20 -3.31 -6.37
CA SER B 239 14.42 -1.92 -6.73
C SER B 239 14.42 -1.08 -5.46
N ASP B 240 14.93 0.14 -5.62
CA ASP B 240 15.04 1.08 -4.51
C ASP B 240 13.77 1.89 -4.30
N HIS B 241 12.94 2.07 -5.34
CA HIS B 241 11.71 2.87 -5.30
C HIS B 241 11.00 2.84 -6.65
N GLY B 242 9.83 3.47 -6.74
CA GLY B 242 9.05 3.63 -7.96
C GLY B 242 9.30 4.96 -8.65
N MET B 243 8.26 5.49 -9.30
CA MET B 243 8.39 6.70 -10.11
C MET B 243 7.00 7.26 -10.36
N THR B 244 6.87 8.58 -10.36
CA THR B 244 5.57 9.20 -10.63
C THR B 244 5.75 10.39 -11.57
N ASP B 245 4.64 10.84 -12.17
CA ASP B 245 4.71 11.97 -13.08
C ASP B 245 4.92 13.26 -12.31
N ILE B 246 5.71 14.17 -12.89
CA ILE B 246 5.84 15.53 -12.36
C ILE B 246 5.41 16.51 -13.46
N PHE B 247 5.12 17.74 -13.05
CA PHE B 247 4.45 18.70 -13.92
C PHE B 247 5.16 20.05 -13.84
N TRP B 248 6.23 20.19 -14.62
CA TRP B 248 6.88 21.48 -14.80
C TRP B 248 6.12 22.26 -15.89
N MET B 249 5.92 23.56 -15.69
CA MET B 249 6.33 24.30 -14.50
C MET B 249 5.13 24.61 -13.61
N ASP B 250 3.96 24.06 -13.96
CA ASP B 250 2.74 24.39 -13.23
C ASP B 250 2.80 23.96 -11.76
N LYS B 251 3.60 22.94 -11.45
CA LYS B 251 3.64 22.40 -10.09
C LYS B 251 5.03 22.49 -9.48
N VAL B 252 5.74 23.58 -9.75
CA VAL B 252 7.02 23.86 -9.11
C VAL B 252 6.79 24.82 -7.97
N ILE B 253 7.40 24.54 -6.81
CA ILE B 253 7.43 25.45 -5.68
C ILE B 253 8.80 26.13 -5.69
N GLU B 254 8.80 27.47 -5.68
CA GLU B 254 10.04 28.26 -5.67
C GLU B 254 10.20 28.89 -4.30
N LEU B 255 11.20 28.41 -3.54
CA LEU B 255 11.45 28.94 -2.21
C LEU B 255 11.79 30.42 -2.24
N SER B 256 12.38 30.89 -3.34
CA SER B 256 12.78 32.30 -3.45
C SER B 256 11.58 33.22 -3.43
N ASN B 257 10.40 32.73 -3.84
CA ASN B 257 9.18 33.50 -3.82
C ASN B 257 8.56 33.58 -2.43
N TYR B 258 9.09 32.85 -1.45
CA TYR B 258 8.50 32.83 -0.12
C TYR B 258 9.48 33.21 0.98
N ILE B 259 10.78 32.99 0.77
CA ILE B 259 11.80 33.40 1.72
C ILE B 259 13.02 33.89 0.94
N SER B 260 13.94 34.52 1.66
CA SER B 260 15.22 34.93 1.09
C SER B 260 16.24 33.81 1.30
N LEU B 261 16.87 33.39 0.20
CA LEU B 261 17.89 32.34 0.30
C LEU B 261 19.00 32.75 1.25
N ASP B 262 19.27 34.05 1.34
CA ASP B 262 20.30 34.57 2.24
C ASP B 262 20.05 34.15 3.68
N ASP B 263 18.79 33.87 4.02
CA ASP B 263 18.42 33.44 5.35
C ASP B 263 18.72 31.98 5.61
N LEU B 264 19.40 31.30 4.69
CA LEU B 264 19.62 29.86 4.78
C LEU B 264 21.12 29.57 4.89
N GLN B 265 21.50 28.93 5.99
CA GLN B 265 22.88 28.45 6.15
C GLN B 265 23.22 27.41 5.09
N GLN B 266 22.31 26.46 4.87
CA GLN B 266 22.57 25.35 3.95
C GLN B 266 21.24 24.78 3.49
N VAL B 267 21.17 24.41 2.21
CA VAL B 267 20.02 23.73 1.62
C VAL B 267 20.54 22.55 0.82
N LYS B 268 19.86 21.40 0.94
CA LYS B 268 20.29 20.20 0.25
C LYS B 268 19.13 19.57 -0.52
N ASP B 269 19.39 19.23 -1.78
CA ASP B 269 18.49 18.54 -2.69
C ASP B 269 17.34 19.42 -3.19
N ARG B 270 16.75 19.02 -4.31
CA ARG B 270 15.58 19.66 -4.89
C ARG B 270 14.64 18.57 -5.35
N GLY B 271 13.34 18.87 -5.33
CA GLY B 271 12.34 17.90 -5.69
C GLY B 271 11.34 17.68 -4.58
N PRO B 272 11.13 16.42 -4.18
CA PRO B 272 10.08 16.14 -3.19
C PRO B 272 10.52 16.32 -1.75
N VAL B 273 11.81 16.18 -1.44
CA VAL B 273 12.27 16.20 -0.05
C VAL B 273 13.53 17.06 0.03
N VAL B 274 13.42 18.23 0.66
CA VAL B 274 14.49 19.21 0.73
C VAL B 274 14.84 19.49 2.18
N SER B 275 16.14 19.56 2.47
CA SER B 275 16.65 19.80 3.80
C SER B 275 17.08 21.26 3.92
N LEU B 276 16.62 21.92 4.98
CA LEU B 276 16.91 23.33 5.23
C LEU B 276 17.63 23.49 6.55
N TRP B 277 18.71 24.27 6.54
CA TRP B 277 19.42 24.70 7.75
C TRP B 277 19.30 26.21 7.86
N PRO B 278 18.40 26.73 8.69
CA PRO B 278 18.27 28.20 8.79
C PRO B 278 19.49 28.80 9.48
N VAL B 279 19.83 30.02 9.06
CA VAL B 279 20.86 30.78 9.78
C VAL B 279 20.33 31.00 11.19
N PRO B 280 21.18 31.07 12.21
CA PRO B 280 20.69 31.21 13.58
C PRO B 280 19.86 32.48 13.75
N GLY B 281 18.67 32.33 14.32
CA GLY B 281 17.78 33.45 14.54
C GLY B 281 16.69 33.63 13.50
N LYS B 282 16.69 32.85 12.43
CA LYS B 282 15.61 32.88 11.45
C LYS B 282 14.88 31.55 11.39
N HIS B 283 15.07 30.70 12.40
CA HIS B 283 14.39 29.41 12.46
C HIS B 283 12.88 29.58 12.38
N SER B 284 12.31 30.37 13.30
CA SER B 284 10.86 30.53 13.31
C SER B 284 10.38 31.36 12.13
N GLU B 285 11.20 32.29 11.64
CA GLU B 285 10.79 33.09 10.47
C GLU B 285 10.63 32.19 9.25
N ILE B 286 11.66 31.43 8.90
CA ILE B 286 11.58 30.51 7.77
C ILE B 286 10.44 29.52 7.97
N TYR B 287 10.38 28.91 9.15
CA TYR B 287 9.37 27.89 9.42
C TYR B 287 7.96 28.43 9.20
N HIS B 288 7.58 29.45 9.97
CA HIS B 288 6.22 29.97 9.88
C HIS B 288 5.91 30.57 8.51
N LYS B 289 6.94 31.05 7.80
CA LYS B 289 6.72 31.55 6.45
C LYS B 289 6.38 30.41 5.49
N LEU B 290 7.08 29.28 5.60
CA LEU B 290 6.86 28.18 4.67
C LEU B 290 5.64 27.34 5.02
N ARG B 291 5.12 27.44 6.24
CA ARG B 291 3.90 26.74 6.61
C ARG B 291 2.71 27.15 5.75
N THR B 292 2.76 28.35 5.16
CA THR B 292 1.64 28.84 4.38
C THR B 292 1.68 28.40 2.93
N VAL B 293 2.75 27.72 2.51
CA VAL B 293 2.85 27.26 1.12
C VAL B 293 2.02 26.00 0.96
N GLU B 294 1.10 26.01 -0.01
CA GLU B 294 0.29 24.85 -0.27
C GLU B 294 1.10 23.81 -1.06
N HIS B 295 0.58 22.58 -1.07
CA HIS B 295 1.13 21.47 -1.84
C HIS B 295 2.50 21.02 -1.34
N MET B 296 2.85 21.35 -0.11
CA MET B 296 3.98 20.75 0.57
C MET B 296 3.75 20.87 2.07
N THR B 297 4.64 20.23 2.83
CA THR B 297 4.59 20.28 4.28
C THR B 297 5.98 20.58 4.83
N VAL B 298 6.05 21.47 5.80
CA VAL B 298 7.28 21.80 6.51
C VAL B 298 7.26 21.12 7.86
N TYR B 299 8.30 20.35 8.15
CA TYR B 299 8.43 19.65 9.42
C TYR B 299 9.63 20.18 10.18
N GLU B 300 9.42 20.59 11.41
CA GLU B 300 10.51 20.59 12.37
C GLU B 300 10.89 19.14 12.66
N LYS B 301 12.17 18.90 12.92
CA LYS B 301 12.69 17.54 13.01
C LYS B 301 11.89 16.70 13.99
N GLU B 302 11.45 17.30 15.10
CA GLU B 302 10.69 16.56 16.09
C GLU B 302 9.26 16.28 15.64
N SER B 303 8.77 16.98 14.62
CA SER B 303 7.41 16.80 14.12
C SER B 303 7.32 15.90 12.89
N ILE B 304 8.46 15.42 12.39
CA ILE B 304 8.45 14.49 11.25
C ILE B 304 7.61 13.27 11.60
N PRO B 305 6.68 12.83 10.75
CA PRO B 305 5.83 11.69 11.10
C PRO B 305 6.66 10.48 11.51
N ASN B 306 6.26 9.85 12.61
CA ASN B 306 7.01 8.69 13.12
C ASN B 306 7.07 7.57 12.11
N ARG B 307 5.99 7.39 11.35
CA ARG B 307 5.92 6.29 10.39
C ARG B 307 6.99 6.40 9.31
N PHE B 308 7.66 7.55 9.17
CA PHE B 308 8.75 7.68 8.22
C PHE B 308 10.04 7.00 8.69
N TYR B 309 10.18 6.74 9.99
CA TYR B 309 11.37 6.11 10.59
C TYR B 309 12.64 6.84 10.18
N TYR B 310 12.56 8.17 10.22
CA TYR B 310 13.54 9.07 9.64
C TYR B 310 14.01 10.17 10.59
N LYS B 311 13.18 10.60 11.53
CA LYS B 311 13.48 11.80 12.32
C LYS B 311 14.69 11.62 13.23
N LYS B 312 15.01 10.40 13.64
CA LYS B 312 16.13 10.20 14.56
C LYS B 312 17.48 10.16 13.85
N GLY B 313 17.52 10.44 12.55
CA GLY B 313 18.79 10.42 11.83
C GLY B 313 19.67 11.59 12.25
N LYS B 314 20.95 11.30 12.52
CA LYS B 314 21.85 12.35 12.99
C LYS B 314 22.12 13.43 11.94
N PHE B 315 21.90 13.16 10.66
CA PHE B 315 22.11 14.19 9.64
C PHE B 315 20.83 14.90 9.22
N VAL B 316 19.67 14.55 9.77
CA VAL B 316 18.43 15.20 9.38
C VAL B 316 18.48 16.69 9.74
N SER B 317 18.05 17.54 8.79
CA SER B 317 18.10 18.99 8.93
C SER B 317 17.04 19.50 9.90
N PRO B 318 17.22 20.72 10.43
CA PRO B 318 16.23 21.27 11.36
C PRO B 318 14.85 21.44 10.74
N LEU B 319 14.78 21.84 9.47
CA LEU B 319 13.52 21.90 8.75
C LEU B 319 13.62 21.00 7.52
N THR B 320 12.59 20.22 7.29
CA THR B 320 12.55 19.32 6.13
C THR B 320 11.24 19.54 5.39
N LEU B 321 11.34 19.82 4.10
CA LEU B 321 10.18 20.03 3.25
C LEU B 321 9.83 18.72 2.54
N VAL B 322 8.53 18.45 2.40
CA VAL B 322 8.03 17.25 1.74
C VAL B 322 6.91 17.67 0.81
N ALA B 323 7.15 17.58 -0.50
CA ALA B 323 6.17 18.01 -1.47
C ALA B 323 5.06 16.96 -1.61
N ASP B 324 3.88 17.44 -2.00
CA ASP B 324 2.80 16.54 -2.40
C ASP B 324 3.15 15.86 -3.71
N GLU B 325 2.56 14.69 -3.92
CA GLU B 325 2.89 13.88 -5.09
C GLU B 325 2.67 14.66 -6.38
N GLY B 326 3.68 14.70 -7.23
CA GLY B 326 3.64 15.42 -8.48
C GLY B 326 4.25 16.80 -8.44
N TRP B 327 4.49 17.34 -7.24
CA TRP B 327 5.05 18.67 -7.06
C TRP B 327 6.56 18.59 -6.83
N PHE B 328 7.24 19.69 -7.11
CA PHE B 328 8.70 19.73 -7.15
C PHE B 328 9.18 21.00 -6.45
N ILE B 329 10.02 20.85 -5.44
CA ILE B 329 10.55 21.98 -4.67
C ILE B 329 11.94 22.34 -5.17
N ALA B 330 12.18 23.63 -5.37
CA ALA B 330 13.50 24.12 -5.74
C ALA B 330 13.64 25.56 -5.26
N GLU B 331 14.87 26.08 -5.38
CA GLU B 331 15.08 27.49 -5.06
C GLU B 331 14.37 28.38 -6.06
N SER B 332 14.51 28.07 -7.35
CA SER B 332 13.93 28.89 -8.40
C SER B 332 13.80 28.06 -9.67
N ARG B 333 13.00 28.57 -10.60
CA ARG B 333 12.78 27.87 -11.87
C ARG B 333 14.10 27.61 -12.60
N GLU B 334 15.03 28.57 -12.53
CA GLU B 334 16.32 28.42 -13.20
C GLU B 334 17.26 27.47 -12.47
N MET B 335 16.89 27.01 -11.27
CA MET B 335 17.68 26.05 -10.52
C MET B 335 17.12 24.63 -10.63
N LEU B 336 16.17 24.38 -11.52
CA LEU B 336 15.63 23.04 -11.68
C LEU B 336 16.67 22.15 -12.36
N PRO B 337 16.59 20.79 -12.14
CA PRO B 337 17.62 19.90 -12.70
C PRO B 337 17.34 19.50 -14.15
N PHE B 338 17.42 20.49 -15.05
CA PHE B 338 17.23 20.22 -16.47
C PHE B 338 18.27 19.22 -16.96
N TRP B 339 17.88 18.42 -17.95
CA TRP B 339 18.75 17.36 -18.44
C TRP B 339 19.16 17.63 -19.88
N MET B 340 20.27 17.01 -20.27
CA MET B 340 20.91 17.26 -21.55
C MET B 340 20.20 16.47 -22.64
N ASN B 341 19.05 17.01 -23.06
CA ASN B 341 18.30 16.41 -24.16
C ASN B 341 18.82 16.86 -25.52
N SER B 342 19.50 18.01 -25.58
CA SER B 342 20.11 18.49 -26.81
C SER B 342 21.57 18.83 -26.52
N THR B 343 22.35 18.94 -27.59
CA THR B 343 23.80 19.01 -27.46
C THR B 343 24.25 20.29 -26.78
N GLY B 344 23.54 21.39 -26.97
CA GLY B 344 23.99 22.69 -26.49
C GLY B 344 24.14 22.81 -24.98
N LYS B 345 23.03 23.05 -24.29
CA LYS B 345 23.03 23.15 -22.84
C LYS B 345 21.78 22.47 -22.30
N ARG B 346 21.75 22.29 -20.98
CA ARG B 346 20.69 21.54 -20.31
C ARG B 346 19.40 22.33 -20.35
N GLU B 347 18.51 21.99 -21.28
CA GLU B 347 17.18 22.56 -21.33
C GLU B 347 16.08 21.52 -21.16
N GLY B 348 16.42 20.24 -21.02
CA GLY B 348 15.41 19.20 -20.99
C GLY B 348 14.58 19.26 -19.71
N TRP B 349 13.28 19.08 -19.86
CA TRP B 349 12.37 19.06 -18.73
C TRP B 349 12.23 17.64 -18.20
N GLN B 350 12.30 17.48 -16.88
CA GLN B 350 12.06 16.19 -16.26
C GLN B 350 10.57 15.89 -16.22
N ARG B 351 10.20 14.66 -16.57
CA ARG B 351 8.80 14.25 -16.61
C ARG B 351 8.43 13.26 -15.52
N GLY B 352 9.40 12.60 -14.89
CA GLY B 352 9.11 11.72 -13.78
C GLY B 352 10.08 11.93 -12.64
N TRP B 353 9.61 11.64 -11.43
CA TRP B 353 10.45 11.79 -10.25
C TRP B 353 9.95 10.88 -9.14
N HIS B 354 10.67 10.91 -8.03
CA HIS B 354 10.42 10.03 -6.89
C HIS B 354 11.09 10.66 -5.67
N GLY B 355 10.83 10.09 -4.49
CA GLY B 355 11.27 10.65 -3.23
C GLY B 355 10.13 10.94 -2.28
N TYR B 356 8.91 11.07 -2.80
CA TYR B 356 7.71 11.37 -2.03
C TYR B 356 7.41 10.32 -0.96
N ASP B 357 6.45 10.63 -0.08
CA ASP B 357 5.82 9.72 0.88
C ASP B 357 5.94 8.27 0.42
N ASN B 358 6.55 7.42 1.24
CA ASN B 358 6.92 6.09 0.76
C ASN B 358 5.72 5.15 0.69
N GLU B 359 4.57 5.55 1.22
CA GLU B 359 3.39 4.71 1.12
C GLU B 359 2.52 5.02 -0.10
N LEU B 360 2.93 5.97 -0.94
CA LEU B 360 2.24 6.20 -2.19
C LEU B 360 2.43 5.01 -3.12
N MET B 361 1.34 4.63 -3.79
CA MET B 361 1.38 3.53 -4.75
C MET B 361 2.49 3.70 -5.79
N ASP B 362 2.67 4.92 -6.30
CA ASP B 362 3.65 5.11 -7.36
C ASP B 362 5.09 4.94 -6.88
N MET B 363 5.33 4.99 -5.57
CA MET B 363 6.67 4.83 -5.03
C MET B 363 7.04 3.37 -4.77
N ARG B 364 6.08 2.45 -4.93
CA ARG B 364 6.37 1.04 -4.70
C ARG B 364 7.40 0.53 -5.68
N GLY B 365 8.29 -0.35 -5.19
CA GLY B 365 9.24 -1.07 -6.00
C GLY B 365 8.90 -2.54 -6.12
N ILE B 366 9.91 -3.34 -6.48
CA ILE B 366 9.70 -4.75 -6.77
C ILE B 366 10.62 -5.62 -5.94
N PHE B 367 10.24 -6.88 -5.78
CA PHE B 367 11.14 -7.91 -5.26
C PHE B 367 10.76 -9.25 -5.88
N LEU B 368 11.77 -9.94 -6.44
CA LEU B 368 11.60 -11.27 -6.99
C LEU B 368 12.80 -12.11 -6.60
N ALA B 369 12.62 -13.43 -6.60
CA ALA B 369 13.72 -14.34 -6.30
C ALA B 369 13.49 -15.69 -6.96
N ILE B 370 14.58 -16.36 -7.30
CA ILE B 370 14.51 -17.62 -8.02
C ILE B 370 15.75 -18.45 -7.70
N GLY B 371 15.55 -19.76 -7.54
CA GLY B 371 16.64 -20.67 -7.25
C GLY B 371 16.20 -21.76 -6.29
N PRO B 372 17.11 -22.68 -5.97
CA PRO B 372 16.75 -23.84 -5.14
C PRO B 372 16.15 -23.51 -3.78
N ASP B 373 16.48 -22.37 -3.19
CA ASP B 373 15.94 -22.02 -1.88
C ASP B 373 14.60 -21.30 -1.93
N PHE B 374 14.09 -21.00 -3.12
CA PHE B 374 12.84 -20.26 -3.23
C PHE B 374 11.77 -21.11 -3.87
N LYS B 375 10.54 -20.92 -3.39
CA LYS B 375 9.38 -21.57 -3.97
C LYS B 375 9.16 -21.10 -5.40
N SER B 376 8.51 -21.94 -6.21
CA SER B 376 8.29 -21.63 -7.61
C SER B 376 6.82 -21.33 -7.85
N ASN B 377 6.56 -20.34 -8.71
CA ASN B 377 5.21 -19.89 -9.04
C ASN B 377 4.47 -19.42 -7.80
N PHE B 378 5.17 -18.68 -6.93
CA PHE B 378 4.67 -18.31 -5.62
C PHE B 378 4.49 -16.80 -5.57
N ARG B 379 3.23 -16.35 -5.39
CA ARG B 379 2.91 -14.92 -5.24
C ARG B 379 2.93 -14.56 -3.77
N ALA B 380 3.93 -13.77 -3.36
CA ALA B 380 4.09 -13.41 -1.96
C ALA B 380 3.38 -12.10 -1.65
N ALA B 381 2.93 -11.97 -0.40
CA ALA B 381 2.39 -10.72 0.10
C ALA B 381 3.46 -9.63 0.06
N PRO B 382 3.04 -8.36 -0.01
CA PRO B 382 4.02 -7.27 -0.09
C PRO B 382 4.89 -7.18 1.14
N ILE B 383 6.16 -6.79 0.91
CA ILE B 383 7.15 -6.69 1.95
C ILE B 383 7.72 -5.28 1.92
N ARG B 384 8.49 -4.96 2.95
CA ARG B 384 9.12 -3.66 3.08
C ARG B 384 10.60 -3.78 2.76
N SER B 385 11.19 -2.65 2.36
N SER B 385 11.20 -2.65 2.38
CA SER B 385 12.60 -2.63 2.02
CA SER B 385 12.61 -2.69 2.00
C SER B 385 13.45 -3.23 3.14
C SER B 385 13.49 -3.19 3.15
N VAL B 386 13.10 -2.95 4.39
CA VAL B 386 13.86 -3.47 5.53
C VAL B 386 13.80 -4.98 5.64
N ASP B 387 12.87 -5.65 4.96
CA ASP B 387 12.70 -7.10 5.11
C ASP B 387 13.65 -7.91 4.24
N VAL B 388 14.30 -7.30 3.25
CA VAL B 388 15.07 -8.06 2.25
C VAL B 388 16.33 -8.64 2.87
N TYR B 389 16.94 -7.89 3.79
CA TYR B 389 18.24 -8.25 4.35
C TYR B 389 18.24 -9.64 4.97
N ASN B 390 17.22 -9.97 5.76
CA ASN B 390 17.16 -11.29 6.39
C ASN B 390 17.13 -12.39 5.34
N ILE B 391 16.41 -12.16 4.24
CA ILE B 391 16.34 -13.14 3.16
C ILE B 391 17.72 -13.38 2.57
N MET B 392 18.41 -12.30 2.20
CA MET B 392 19.73 -12.44 1.60
C MET B 392 20.69 -13.14 2.56
N ALA B 393 20.71 -12.71 3.82
CA ALA B 393 21.63 -13.32 4.78
C ALA B 393 21.31 -14.79 4.96
N HIS B 394 20.03 -15.13 5.00
CA HIS B 394 19.62 -16.52 5.17
C HIS B 394 20.15 -17.39 4.04
N VAL B 395 19.86 -17.01 2.77
CA VAL B 395 20.30 -17.88 1.68
C VAL B 395 21.79 -17.76 1.40
N ALA B 396 22.45 -16.70 1.89
CA ALA B 396 23.91 -16.64 1.81
C ALA B 396 24.59 -17.42 2.91
N GLY B 397 23.84 -17.93 3.89
CA GLY B 397 24.42 -18.68 4.98
C GLY B 397 25.21 -17.82 5.95
N ILE B 398 24.65 -16.69 6.36
CA ILE B 398 25.33 -15.83 7.33
C ILE B 398 24.29 -15.28 8.30
N THR B 399 24.67 -15.23 9.57
CA THR B 399 23.77 -14.71 10.61
C THR B 399 23.55 -13.23 10.38
N PRO B 400 22.30 -12.78 10.18
CA PRO B 400 22.06 -11.35 10.01
C PRO B 400 22.37 -10.57 11.29
N LEU B 401 22.92 -9.37 11.12
CA LEU B 401 23.01 -8.45 12.24
C LEU B 401 21.60 -7.98 12.61
N PRO B 402 21.39 -7.59 13.87
CA PRO B 402 20.05 -7.12 14.29
C PRO B 402 19.54 -6.00 13.41
N ASN B 403 18.28 -6.13 12.96
CA ASN B 403 17.74 -5.20 11.98
C ASN B 403 16.24 -5.03 12.21
N ASN B 404 15.61 -4.23 11.36
CA ASN B 404 14.20 -3.86 11.49
C ASN B 404 13.30 -4.66 10.56
N GLY B 405 13.84 -5.62 9.83
CA GLY B 405 13.01 -6.47 8.99
C GLY B 405 12.14 -7.38 9.82
N SER B 406 11.02 -7.79 9.24
CA SER B 406 10.11 -8.76 9.86
C SER B 406 10.32 -10.10 9.19
N TRP B 407 10.89 -11.05 9.93
CA TRP B 407 11.00 -12.40 9.39
C TRP B 407 9.64 -12.99 9.09
N SER B 408 8.64 -12.68 9.92
CA SER B 408 7.32 -13.24 9.70
C SER B 408 6.73 -12.76 8.38
N ARG B 409 7.14 -11.57 7.90
CA ARG B 409 6.61 -11.05 6.64
C ARG B 409 7.17 -11.76 5.41
N VAL B 410 8.27 -12.52 5.52
CA VAL B 410 8.94 -13.04 4.32
C VAL B 410 9.17 -14.54 4.33
N VAL B 411 9.11 -15.19 5.50
CA VAL B 411 9.56 -16.58 5.63
C VAL B 411 8.79 -17.56 4.72
N SER B 412 7.55 -17.23 4.34
N SER B 412 7.56 -17.22 4.36
CA SER B 412 6.76 -18.17 3.57
CA SER B 412 6.74 -18.13 3.56
C SER B 412 7.22 -18.29 2.12
C SER B 412 7.33 -18.35 2.17
N MET B 413 8.05 -17.37 1.62
CA MET B 413 8.56 -17.51 0.26
C MET B 413 9.68 -18.55 0.16
N LEU B 414 10.22 -19.01 1.28
CA LEU B 414 11.37 -19.92 1.26
C LEU B 414 10.91 -21.36 1.18
N LYS B 415 11.66 -22.17 0.43
CA LYS B 415 11.25 -23.53 0.11
C LYS B 415 11.37 -24.50 1.29
C1 NAG C . -30.85 -15.43 -7.87
C2 NAG C . -31.55 -16.66 -8.42
C3 NAG C . -31.86 -16.48 -9.90
C4 NAG C . -32.65 -15.21 -10.14
C5 NAG C . -31.96 -14.01 -9.47
C6 NAG C . -32.79 -12.74 -9.47
C7 NAG C . -31.07 -18.77 -7.27
C8 NAG C . -30.17 -19.97 -7.19
N2 NAG C . -30.76 -17.88 -8.21
O3 NAG C . -32.57 -17.60 -10.40
O4 NAG C . -32.70 -15.03 -11.54
O5 NAG C . -31.66 -14.29 -8.10
O6 NAG C . -34.11 -12.99 -9.01
O7 NAG C . -32.02 -18.62 -6.50
C1 NAG C . -33.88 -14.38 -12.03
C2 NAG C . -33.62 -13.86 -13.44
C3 NAG C . -34.94 -13.72 -14.18
C4 NAG C . -35.54 -15.10 -14.43
C5 NAG C . -35.46 -15.97 -13.17
C6 NAG C . -34.47 -17.11 -13.27
C7 NAG C . -31.57 -12.50 -13.54
C8 NAG C . -30.83 -13.80 -13.72
N2 NAG C . -32.90 -12.60 -13.41
O3 NAG C . -34.71 -13.07 -15.44
O4 NAG C . -36.91 -14.96 -14.79
O5 NAG C . -35.11 -15.19 -12.01
O6 NAG C . -34.50 -17.70 -14.56
O7 NAG C . -30.99 -11.42 -13.50
C1 NAG D . -24.43 21.94 13.19
C2 NAG D . -24.09 22.84 14.38
C3 NAG D . -23.99 24.32 13.96
C4 NAG D . -23.12 24.48 12.73
C5 NAG D . -23.59 23.54 11.62
C6 NAG D . -22.74 23.57 10.37
C7 NAG D . -24.83 22.23 16.65
C8 NAG D . -26.00 22.11 17.58
N2 NAG D . -25.09 22.68 15.42
O3 NAG D . -23.42 25.05 15.04
O4 NAG D . -23.20 25.84 12.29
O5 NAG D . -23.54 22.21 12.12
O6 NAG D . -21.36 23.75 10.69
O7 NAG D . -23.70 21.94 17.00
C1 NAG D . -21.92 26.46 11.99
C2 NAG D . -22.16 27.71 11.14
C3 NAG D . -20.84 28.40 10.79
C4 NAG D . -19.98 28.60 12.03
C5 NAG D . -19.84 27.28 12.78
C6 NAG D . -19.05 27.40 14.06
C7 NAG D . -24.22 27.24 9.87
C8 NAG D . -24.80 26.87 8.54
N2 NAG D . -22.90 27.38 9.92
O3 NAG D . -21.12 29.67 10.21
O4 NAG D . -18.69 29.07 11.65
O5 NAG D . -21.14 26.80 13.12
O6 NAG D . -19.12 26.21 14.82
O7 NAG D . -24.93 27.40 10.86
C1 FUL D . -20.44 22.68 10.36
C2 FUL D . -20.71 21.46 11.22
O2 FUL D . -22.00 20.94 11.05
C3 FUL D . -19.79 20.35 10.92
O3 FUL D . -19.88 19.44 12.03
C4 FUL D . -18.32 20.74 10.79
O4 FUL D . -17.61 20.19 11.86
C5 FUL D . -18.02 22.28 10.67
C6 FUL D . -17.17 22.77 11.82
O5 FUL D . -19.17 23.18 10.61
C1 NAG E . -11.94 -14.64 -9.56
C2 NAG E . -11.38 -14.68 -10.99
C3 NAG E . -12.47 -15.11 -11.99
C4 NAG E . -13.20 -16.36 -11.52
C5 NAG E . -13.68 -16.19 -10.09
C6 NAG E . -14.33 -17.42 -9.52
C7 NAG E . -9.53 -13.11 -11.40
C8 NAG E . -9.18 -11.70 -11.79
N2 NAG E . -10.84 -13.38 -11.35
O3 NAG E . -11.87 -15.33 -13.26
O4 NAG E . -14.34 -16.56 -12.36
O5 NAG E . -12.55 -15.89 -9.26
O6 NAG E . -13.40 -18.49 -9.43
O7 NAG E . -8.68 -13.95 -11.14
C1 NAG E . -14.36 -17.85 -13.00
C2 NAG E . -15.79 -18.07 -13.49
C3 NAG E . -15.90 -19.41 -14.20
C4 NAG E . -14.90 -19.45 -15.35
C5 NAG E . -13.49 -19.17 -14.83
C6 NAG E . -12.47 -19.05 -15.94
C7 NAG E . -17.50 -16.90 -12.18
C8 NAG E . -18.44 -16.98 -11.00
N2 NAG E . -16.74 -17.98 -12.40
O3 NAG E . -17.22 -19.56 -14.71
O4 NAG E . -14.94 -20.74 -15.97
O5 NAG E . -13.46 -17.92 -14.11
O6 NAG E . -12.89 -18.10 -16.92
O7 NAG E . -17.42 -15.89 -12.88
C1 NAG F . 15.15 19.89 -25.34
C2 NAG F . 14.60 19.98 -26.75
C3 NAG F . 14.03 21.37 -27.03
C4 NAG F . 13.03 21.75 -25.96
C5 NAG F . 13.66 21.64 -24.59
C6 NAG F . 12.70 21.90 -23.46
C7 NAG F . 15.60 18.53 -28.47
C8 NAG F . 16.75 18.34 -29.42
N2 NAG F . 15.63 19.64 -27.72
O3 NAG F . 13.43 21.37 -28.32
O4 NAG F . 12.57 23.09 -26.14
O5 NAG F . 14.16 20.31 -24.40
O6 NAG F . 11.39 21.40 -23.74
O7 NAG F . 14.69 17.71 -28.39
C1 NAG F . 11.30 23.12 -26.82
C2 NAG F . 10.64 24.47 -26.51
C3 NAG F . 9.45 24.72 -27.44
C4 NAG F . 9.84 24.52 -28.89
C5 NAG F . 10.42 23.13 -29.05
C6 NAG F . 10.87 22.83 -30.46
C7 NAG F . 10.83 25.25 -24.19
C8 NAG F . 10.24 25.18 -22.82
N2 NAG F . 10.22 24.52 -25.12
O3 NAG F . 8.99 26.07 -27.25
O4 NAG F . 8.69 24.65 -29.73
O5 NAG F . 11.58 23.02 -28.22
O6 NAG F . 9.85 22.15 -31.19
O7 NAG F . 11.82 25.93 -24.44
C1 FUL F . 10.91 20.36 -22.88
C2 FUL F . 11.71 19.07 -23.08
O2 FUL F . 13.04 19.19 -22.64
C3 FUL F . 11.12 17.90 -22.40
O3 FUL F . 11.92 16.77 -22.76
C4 FUL F . 9.75 17.63 -22.94
O4 FUL F . 9.86 17.16 -24.27
C5 FUL F . 8.87 18.90 -22.90
C6 FUL F . 7.78 18.82 -23.94
O5 FUL F . 9.55 20.16 -23.16
C1 NAG G . 15.88 -1.03 14.23
C2 NAG G . 15.21 -0.48 15.49
C3 NAG G . 16.23 0.17 16.43
C4 NAG G . 17.45 -0.72 16.65
C5 NAG G . 18.01 -1.18 15.30
C6 NAG G . 19.16 -2.16 15.42
C7 NAG G . 12.87 0.20 15.23
C8 NAG G . 11.94 1.32 14.84
N2 NAG G . 14.17 0.48 15.15
O3 NAG G . 15.60 0.42 17.68
O4 NAG G . 18.44 0.03 17.34
O5 NAG G . 16.97 -1.86 14.58
O6 NAG G . 18.76 -3.35 16.09
O7 NAG G . 12.45 -0.89 15.58
C1 NAG G . 18.97 -0.68 18.47
C2 NAG G . 20.29 -0.04 18.90
C3 NAG G . 20.89 -0.78 20.10
C4 NAG G . 19.87 -0.89 21.21
C5 NAG G . 18.56 -1.48 20.68
C6 NAG G . 17.45 -1.50 21.71
C7 NAG G . 21.39 1.03 16.96
C8 NAG G . 22.42 0.87 15.88
N2 NAG G . 21.24 -0.01 17.80
O3 NAG G . 22.05 -0.13 20.56
O4 NAG G . 20.37 -1.73 22.25
O5 NAG G . 18.08 -0.70 19.58
O6 NAG G . 17.20 -2.83 22.17
O7 NAG G . 20.72 2.05 17.07
ZN ZN H . -18.78 5.02 5.78
ZN ZN I . -18.13 0.94 5.75
C1 EDO J . -10.66 -6.30 -15.29
O1 EDO J . -11.24 -5.53 -14.22
C2 EDO J . -9.73 -7.34 -14.69
O2 EDO J . -10.47 -8.54 -14.46
C1 EDO K . -21.88 4.11 -6.95
O1 EDO K . -21.01 3.96 -8.06
C2 EDO K . -21.22 3.57 -5.69
O2 EDO K . -22.21 3.45 -4.68
P1 PC L . -20.48 2.94 4.38
O1 PC L . -20.43 4.45 4.59
O3 PC L . -19.36 2.39 5.25
O4 PC L . -20.27 2.58 2.93
O2 PC L . -21.90 2.49 4.82
C1 PC L . -22.24 2.57 6.16
C2 PC L . -22.93 1.32 6.76
N1 PC L . -24.28 0.89 6.33
C3 PC L . -24.69 -0.22 7.21
C4 PC L . -24.21 0.40 4.97
C5 PC L . -25.38 1.87 6.41
C1 EDO M . -28.84 -4.08 5.96
O1 EDO M . -28.71 -4.57 4.61
C2 EDO M . -30.08 -3.20 6.11
O2 EDO M . -31.20 -3.79 5.45
C1 NAG N . 33.57 5.08 10.84
C2 NAG N . 34.66 4.59 11.80
C3 NAG N . 34.74 5.53 13.00
C4 NAG N . 35.01 6.95 12.53
C5 NAG N . 33.93 7.38 11.53
C6 NAG N . 34.22 8.73 10.90
C7 NAG N . 35.19 2.20 11.80
C8 NAG N . 34.86 0.86 12.37
N2 NAG N . 34.45 3.23 12.23
O3 NAG N . 35.78 5.10 13.87
O4 NAG N . 34.99 7.82 13.66
O5 NAG N . 33.84 6.44 10.44
O6 NAG N . 35.42 8.70 10.13
O7 NAG N . 36.10 2.36 10.99
ZN ZN O . 16.82 5.27 -7.53
ZN ZN P . 15.75 8.54 -9.82
C1 EDO Q . 10.71 7.84 14.74
O1 EDO Q . 11.07 8.07 13.37
C2 EDO Q . 10.30 6.39 14.98
O2 EDO Q . 11.44 5.64 15.41
P1 PC R . 17.94 8.42 -7.81
O1 PC R . 17.62 8.75 -6.38
O3 PC R . 17.36 9.43 -8.80
O4 PC R . 17.37 7.08 -8.18
O2 PC R . 19.49 8.38 -8.01
C1 PC R . 19.98 7.97 -9.24
C2 PC R . 21.18 7.02 -9.25
N1 PC R . 22.55 7.40 -8.82
C3 PC R . 23.47 6.33 -9.24
C4 PC R . 22.56 7.54 -7.37
C5 PC R . 23.15 8.64 -9.34
C1 EDO S . 29.18 6.94 -7.17
O1 EDO S . 30.55 7.04 -6.82
C2 EDO S . 28.61 5.66 -6.56
O2 EDO S . 28.51 5.77 -5.12
#